data_3TKS
#
_entry.id   3TKS
#
_cell.length_a   183.178
_cell.length_b   140.104
_cell.length_c   61.504
_cell.angle_alpha   90.00
_cell.angle_beta   102.48
_cell.angle_gamma   90.00
#
_symmetry.space_group_name_H-M   'C 1 2 1'
#
loop_
_entity.id
_entity.type
_entity.pdbx_description
1 polymer Peroxiredoxin-4
2 polymer Peroxiredoxin-4
3 polymer Peroxiredoxin-4
4 non-polymer 'PEROXIDE ION'
5 water water
#
loop_
_entity_poly.entity_id
_entity_poly.type
_entity_poly.pdbx_seq_one_letter_code
_entity_poly.pdbx_strand_id
1 'polypeptide(L)'
;MRGSHHHHHHGSWETEERPRTREEECHFYAGGQVYPGEASRVSVADHSLHLSKAKISKPAPYWEGTAVIDGEFKELKLTD
YRGKYLVFFFYPLDFTFV(CSO)PTEIIAFGDRLEEFRSINTEVVACSVDSQFTHLAWINTPRRQGGLGPIRIPLLSDLT
HQISKDYGVYLEDSGHTLRGLFIIDDKGILRQITLNDLPVGRSVDETLRLVQAFQYTDKHGEVCPAGWKPGSETIIPDPA
GKLKYFDKLN
;
A,B
2 'polypeptide(L)'
;MRGSHHHHHHGSWETEERPRTREEECHFYAGGQVYPGEASRVSVADHSLHLSKAKISKPAPYWEGTAVIDGEFKELKLTD
YRGKYLVFFFYPLDFTFV(CSD)PTEIIAFGDRLEEFRSINTEVVACSVDSQFTHLAWINTPRRQGGLGPIRIPLLSDLT
HQISKDYGVYLEDSGHTLRGLFIIDDKGILRQITLNDLPVGRSVDETLRLVQAFQYTDKHGEVCPAGWKPGSETIIPDPA
GKLKYFDKLN
;
C,D
3 'polypeptide(L)'
;MRGSHHHHHHGSWETEERPRTREEECHFYAGGQVYPGEASRVSVADHSLHLSKAKISKPAPYWEGTAVIDGEFKELKLTD
YRGKYLVFFFYPLDFTFVCPTEIIAFGDRLEEFRSINTEVVACSVDSQFTHLAWINTPRRQGGLGPIRIPLLSDLTHQIS
KDYGVYLEDSGHTLRGLFIIDDKGILRQITLNDLPVGRSVDETLRLVQAFQYTDKHGEVCPAGWKPGSETIIPDPAGKLK
YFDKLN
;
E
#
# COMPACT_ATOMS: atom_id res chain seq x y z
N HIS A 50 -17.79 -1.44 14.50
CA HIS A 50 -18.64 -2.58 14.11
C HIS A 50 -20.07 -2.14 13.81
N LEU A 51 -20.43 -2.16 12.53
CA LEU A 51 -21.72 -1.62 12.12
C LEU A 51 -22.84 -2.60 11.87
N SER A 52 -24.07 -2.14 12.00
CA SER A 52 -25.22 -3.00 11.81
C SER A 52 -25.20 -3.65 10.43
N LYS A 53 -25.35 -4.96 10.40
CA LYS A 53 -25.42 -5.66 9.13
C LYS A 53 -26.87 -5.92 8.70
N ALA A 54 -27.82 -5.45 9.50
CA ALA A 54 -29.24 -5.72 9.25
C ALA A 54 -29.85 -4.77 8.23
N LYS A 55 -30.10 -5.27 7.02
CA LYS A 55 -30.66 -4.44 5.96
C LYS A 55 -31.93 -5.06 5.40
N ILE A 56 -33.00 -4.29 5.38
CA ILE A 56 -34.27 -4.79 4.88
C ILE A 56 -34.14 -5.15 3.41
N SER A 57 -34.68 -6.31 3.07
CA SER A 57 -34.64 -6.90 1.72
C SER A 57 -33.29 -7.52 1.36
N LYS A 58 -32.37 -7.56 2.32
CA LYS A 58 -31.15 -8.34 2.22
C LYS A 58 -31.28 -9.53 3.15
N PRO A 59 -30.49 -10.59 2.92
CA PRO A 59 -30.56 -11.75 3.81
C PRO A 59 -30.21 -11.32 5.23
N ALA A 60 -30.99 -11.76 6.21
CA ALA A 60 -30.71 -11.46 7.61
C ALA A 60 -29.32 -11.94 8.01
N PRO A 61 -28.59 -11.09 8.73
CA PRO A 61 -27.25 -11.41 9.23
C PRO A 61 -27.25 -12.79 9.88
N TYR A 62 -26.33 -13.66 9.46
CA TYR A 62 -26.20 -14.97 10.06
C TYR A 62 -25.93 -14.88 11.56
N TRP A 63 -26.48 -15.82 12.32
CA TRP A 63 -26.16 -15.91 13.75
C TRP A 63 -26.21 -17.33 14.26
N GLU A 64 -25.44 -17.61 15.30
CA GLU A 64 -25.55 -18.89 16.02
C GLU A 64 -25.07 -18.77 17.45
N GLY A 65 -25.51 -19.70 18.27
CA GLY A 65 -25.14 -19.69 19.67
C GLY A 65 -25.97 -20.66 20.46
N THR A 66 -25.74 -20.65 21.77
CA THR A 66 -26.33 -21.61 22.67
C THR A 66 -27.64 -21.02 23.13
N ALA A 67 -28.67 -21.84 23.16
CA ALA A 67 -29.99 -21.41 23.57
C ALA A 67 -30.56 -22.42 24.53
N VAL A 68 -31.43 -21.95 25.41
CA VAL A 68 -32.21 -22.82 26.25
C VAL A 68 -33.50 -23.21 25.52
N ILE A 69 -33.52 -24.43 24.98
CA ILE A 69 -34.71 -24.97 24.33
C ILE A 69 -35.29 -26.10 25.18
N ASP A 70 -36.48 -25.86 25.75
CA ASP A 70 -37.10 -26.85 26.63
C ASP A 70 -36.13 -27.26 27.73
N GLY A 71 -35.68 -26.30 28.52
CA GLY A 71 -34.81 -26.56 29.66
C GLY A 71 -33.46 -27.17 29.34
N GLU A 72 -33.11 -27.25 28.06
CA GLU A 72 -31.80 -27.80 27.69
C GLU A 72 -30.98 -26.82 26.86
N PHE A 73 -29.67 -27.02 26.88
CA PHE A 73 -28.74 -26.20 26.12
C PHE A 73 -28.56 -26.77 24.72
N LYS A 74 -29.13 -26.10 23.72
CA LYS A 74 -29.00 -26.52 22.32
C LYS A 74 -28.28 -25.46 21.50
N GLU A 75 -27.49 -25.90 20.53
CA GLU A 75 -26.85 -24.99 19.58
C GLU A 75 -27.81 -24.63 18.43
N LEU A 76 -28.01 -23.32 18.24
CA LEU A 76 -29.03 -22.80 17.36
C LEU A 76 -28.44 -21.90 16.27
N LYS A 77 -28.83 -22.12 15.03
CA LYS A 77 -28.36 -21.29 13.92
C LYS A 77 -29.52 -20.64 13.20
N LEU A 78 -29.34 -19.39 12.77
CA LEU A 78 -30.36 -18.74 11.94
C LEU A 78 -30.84 -19.68 10.84
N THR A 79 -29.90 -20.35 10.18
CA THR A 79 -30.20 -21.21 9.03
C THR A 79 -31.11 -22.39 9.38
N ASP A 80 -31.24 -22.72 10.67
CA ASP A 80 -32.16 -23.78 11.10
C ASP A 80 -33.63 -23.43 10.82
N TYR A 81 -33.90 -22.16 10.56
CA TYR A 81 -35.28 -21.71 10.39
C TYR A 81 -35.61 -21.45 8.92
N ARG A 82 -34.68 -21.81 8.05
CA ARG A 82 -34.89 -21.69 6.64
C ARG A 82 -36.13 -22.49 6.29
N GLY A 83 -36.99 -21.91 5.45
CA GLY A 83 -38.23 -22.58 5.06
C GLY A 83 -39.44 -22.15 5.87
N LYS A 84 -39.17 -21.47 6.99
CA LYS A 84 -40.23 -20.91 7.81
C LYS A 84 -39.97 -19.42 8.00
N TYR A 85 -41.03 -18.68 8.31
CA TYR A 85 -40.86 -17.30 8.79
C TYR A 85 -40.28 -17.34 10.22
N LEU A 86 -39.49 -16.34 10.56
CA LEU A 86 -38.93 -16.22 11.90
C LEU A 86 -39.16 -14.85 12.50
N VAL A 87 -39.75 -14.80 13.69
CA VAL A 87 -39.73 -13.58 14.45
C VAL A 87 -38.56 -13.66 15.42
N PHE A 88 -37.51 -12.90 15.13
CA PHE A 88 -36.28 -12.90 15.94
C PHE A 88 -36.24 -11.60 16.75
N PHE A 89 -36.36 -11.69 18.07
CA PHE A 89 -36.36 -10.46 18.88
C PHE A 89 -35.40 -10.43 20.06
N PHE A 90 -34.84 -9.24 20.29
CA PHE A 90 -33.92 -8.99 21.38
C PHE A 90 -34.64 -8.31 22.50
N TYR A 91 -34.29 -8.64 23.74
CA TYR A 91 -34.75 -7.89 24.92
C TYR A 91 -33.54 -7.60 25.83
N PRO A 92 -33.64 -6.55 26.68
CA PRO A 92 -32.49 -6.05 27.44
C PRO A 92 -31.86 -7.04 28.45
N LEU A 93 -32.61 -7.49 29.47
CA LEU A 93 -31.97 -8.24 30.55
C LEU A 93 -32.89 -9.22 31.26
N ASP A 94 -32.43 -10.44 31.43
CA ASP A 94 -33.08 -11.40 32.32
C ASP A 94 -33.20 -10.78 33.70
N PHE A 95 -34.22 -11.20 34.44
CA PHE A 95 -34.50 -10.71 35.79
C PHE A 95 -34.79 -9.23 35.87
N THR A 96 -35.31 -8.66 34.78
CA THR A 96 -35.88 -7.31 34.83
C THR A 96 -37.39 -7.31 34.59
N PHE A 97 -37.89 -6.34 33.83
CA PHE A 97 -39.29 -5.88 34.04
C PHE A 97 -40.28 -6.06 32.89
N VAL A 98 -40.25 -5.17 31.89
CA VAL A 98 -41.03 -5.39 30.67
C VAL A 98 -40.66 -6.74 30.05
N PRO A 100 -39.81 -10.13 31.00
CA PRO A 100 -40.61 -11.35 31.19
C PRO A 100 -41.96 -11.28 30.47
N THR A 101 -42.63 -10.14 30.55
CA THR A 101 -43.97 -10.00 29.96
C THR A 101 -43.99 -10.16 28.44
N GLU A 102 -42.93 -9.74 27.76
CA GLU A 102 -42.87 -9.87 26.32
C GLU A 102 -42.66 -11.32 25.93
N ILE A 103 -41.67 -11.96 26.53
CA ILE A 103 -41.42 -13.37 26.24
C ILE A 103 -42.67 -14.20 26.53
N ILE A 104 -43.34 -13.88 27.63
CA ILE A 104 -44.57 -14.57 28.02
C ILE A 104 -45.70 -14.36 27.01
N ALA A 105 -45.89 -13.09 26.61
CA ALA A 105 -46.94 -12.77 25.67
C ALA A 105 -46.79 -13.59 24.40
N PHE A 106 -45.58 -13.63 23.85
CA PHE A 106 -45.37 -14.42 22.64
C PHE A 106 -45.43 -15.93 22.95
N GLY A 107 -44.93 -16.31 24.12
CA GLY A 107 -44.92 -17.72 24.47
C GLY A 107 -46.33 -18.28 24.59
N ASP A 108 -47.20 -17.52 25.26
CA ASP A 108 -48.59 -17.92 25.43
C ASP A 108 -49.35 -18.01 24.10
N ARG A 109 -48.99 -17.17 23.13
CA ARG A 109 -49.74 -17.12 21.87
C ARG A 109 -48.98 -17.78 20.72
N LEU A 110 -48.04 -18.64 21.09
CA LEU A 110 -47.13 -19.26 20.12
C LEU A 110 -47.81 -20.11 19.03
N GLU A 111 -48.97 -20.69 19.32
CA GLU A 111 -49.64 -21.52 18.31
C GLU A 111 -50.18 -20.68 17.16
N GLU A 112 -50.56 -19.44 17.47
CA GLU A 112 -50.99 -18.49 16.45
C GLU A 112 -49.87 -18.25 15.41
N PHE A 113 -48.61 -18.38 15.84
CA PHE A 113 -47.48 -18.24 14.91
C PHE A 113 -47.16 -19.55 14.21
N ARG A 114 -47.17 -20.64 14.96
CA ARG A 114 -46.78 -21.93 14.40
C ARG A 114 -47.77 -22.37 13.35
N SER A 115 -49.03 -21.98 13.55
CA SER A 115 -50.09 -22.37 12.64
C SER A 115 -50.04 -21.56 11.35
N ILE A 116 -49.05 -20.67 11.26
CA ILE A 116 -48.77 -19.96 10.02
C ILE A 116 -47.30 -20.07 9.66
N ASN A 117 -46.74 -21.25 9.96
CA ASN A 117 -45.39 -21.58 9.52
C ASN A 117 -44.38 -20.54 10.00
N THR A 118 -44.52 -20.15 11.26
CA THR A 118 -43.71 -19.09 11.83
C THR A 118 -43.13 -19.49 13.18
N GLU A 119 -41.82 -19.30 13.35
CA GLU A 119 -41.20 -19.52 14.64
C GLU A 119 -40.86 -18.21 15.34
N VAL A 120 -40.60 -18.31 16.63
CA VAL A 120 -40.20 -17.17 17.44
C VAL A 120 -38.96 -17.51 18.30
N VAL A 121 -37.97 -16.62 18.24
CA VAL A 121 -36.79 -16.74 19.08
C VAL A 121 -36.50 -15.43 19.78
N ALA A 122 -36.21 -15.51 21.07
CA ALA A 122 -35.83 -14.36 21.86
C ALA A 122 -34.33 -14.42 22.18
N CYS A 123 -33.73 -13.26 22.42
CA CYS A 123 -32.29 -13.18 22.60
C CYS A 123 -31.95 -12.02 23.49
N SER A 124 -31.05 -12.25 24.44
CA SER A 124 -30.46 -11.17 25.22
C SER A 124 -28.98 -11.47 25.40
N VAL A 125 -28.25 -10.50 25.95
CA VAL A 125 -26.81 -10.65 26.18
C VAL A 125 -26.46 -11.55 27.39
N ASP A 126 -27.48 -12.03 28.09
CA ASP A 126 -27.31 -12.92 29.24
C ASP A 126 -26.77 -14.28 28.83
N SER A 127 -26.10 -14.97 29.77
CA SER A 127 -25.60 -16.32 29.52
C SER A 127 -26.73 -17.33 29.43
N GLN A 128 -26.47 -18.47 28.80
CA GLN A 128 -27.47 -19.52 28.79
C GLN A 128 -27.79 -19.97 30.23
N PHE A 129 -26.80 -19.91 31.13
CA PHE A 129 -27.04 -20.31 32.53
C PHE A 129 -28.03 -19.37 33.23
N THR A 130 -27.90 -18.08 33.00
CA THR A 130 -28.87 -17.13 33.54
C THR A 130 -30.28 -17.32 32.93
N HIS A 131 -30.33 -17.57 31.63
CA HIS A 131 -31.59 -17.91 30.97
C HIS A 131 -32.30 -19.05 31.68
N LEU A 132 -31.59 -20.15 31.90
CA LEU A 132 -32.19 -21.33 32.54
C LEU A 132 -32.68 -21.04 33.96
N ALA A 133 -31.89 -20.30 34.75
CA ALA A 133 -32.33 -19.93 36.08
C ALA A 133 -33.54 -19.04 36.04
N TRP A 134 -33.62 -18.21 35.00
CA TRP A 134 -34.77 -17.33 34.82
C TRP A 134 -36.02 -18.14 34.51
N ILE A 135 -35.89 -19.08 33.58
CA ILE A 135 -36.94 -20.05 33.29
C ILE A 135 -37.36 -20.82 34.55
N ASN A 136 -36.39 -21.25 35.35
CA ASN A 136 -36.68 -21.98 36.60
C ASN A 136 -37.11 -21.08 37.73
N THR A 137 -37.28 -19.79 37.44
CA THR A 137 -37.85 -18.87 38.44
C THR A 137 -39.34 -18.69 38.20
N PRO A 138 -40.16 -18.88 39.24
CA PRO A 138 -41.61 -18.68 39.12
C PRO A 138 -41.99 -17.29 38.63
N ARG A 139 -43.03 -17.21 37.79
CA ARG A 139 -43.52 -15.95 37.22
C ARG A 139 -43.89 -14.93 38.28
N ARG A 140 -44.29 -15.43 39.44
CA ARG A 140 -44.72 -14.59 40.55
C ARG A 140 -43.56 -13.77 41.11
N GLN A 141 -42.34 -14.25 40.89
CA GLN A 141 -41.14 -13.49 41.25
C GLN A 141 -40.41 -12.99 40.01
N GLY A 142 -41.18 -12.70 38.96
CA GLY A 142 -40.66 -12.10 37.75
C GLY A 142 -39.87 -13.09 36.91
N GLY A 143 -40.03 -14.38 37.18
CA GLY A 143 -39.41 -15.39 36.35
C GLY A 143 -40.25 -15.66 35.13
N LEU A 144 -39.92 -16.70 34.39
CA LEU A 144 -40.68 -17.05 33.21
C LEU A 144 -41.48 -18.31 33.38
N GLY A 145 -41.10 -19.13 34.35
CA GLY A 145 -41.65 -20.47 34.42
C GLY A 145 -41.32 -21.16 33.11
N PRO A 146 -41.88 -22.34 32.88
CA PRO A 146 -41.55 -23.03 31.62
C PRO A 146 -41.93 -22.16 30.43
N ILE A 147 -41.13 -22.22 29.38
CA ILE A 147 -41.33 -21.40 28.19
C ILE A 147 -41.03 -22.22 26.93
N ARG A 148 -41.81 -22.00 25.87
CA ARG A 148 -41.75 -22.78 24.64
CA ARG A 148 -41.67 -22.81 24.66
C ARG A 148 -40.82 -22.12 23.59
N ILE A 149 -40.57 -20.84 23.78
CA ILE A 149 -39.71 -20.08 22.88
C ILE A 149 -38.24 -20.29 23.23
N PRO A 150 -37.40 -20.59 22.23
CA PRO A 150 -35.96 -20.62 22.52
C PRO A 150 -35.50 -19.30 23.15
N LEU A 151 -34.64 -19.36 24.17
CA LEU A 151 -33.93 -18.18 24.62
C LEU A 151 -32.46 -18.29 24.21
N LEU A 152 -32.05 -17.39 23.33
CA LEU A 152 -30.72 -17.43 22.77
C LEU A 152 -29.79 -16.56 23.59
N SER A 153 -28.54 -17.00 23.73
CA SER A 153 -27.56 -16.29 24.51
C SER A 153 -26.59 -15.55 23.58
N ASP A 154 -26.35 -14.29 23.87
CA ASP A 154 -25.39 -13.50 23.09
C ASP A 154 -24.33 -12.86 24.01
N LEU A 155 -23.59 -13.70 24.72
CA LEU A 155 -22.57 -13.20 25.66
C LEU A 155 -21.49 -12.36 24.99
N THR A 156 -21.17 -12.68 23.75
CA THR A 156 -20.06 -12.01 23.08
C THR A 156 -20.47 -10.68 22.49
N HIS A 157 -21.78 -10.46 22.45
CA HIS A 157 -22.36 -9.23 21.90
C HIS A 157 -22.25 -9.15 20.38
N GLN A 158 -21.79 -10.21 19.72
CA GLN A 158 -21.60 -10.19 18.28
CA GLN A 158 -21.60 -10.18 18.27
C GLN A 158 -22.94 -10.17 17.55
N ILE A 159 -23.86 -11.03 17.97
CA ILE A 159 -25.16 -11.08 17.30
C ILE A 159 -25.90 -9.72 17.42
N SER A 160 -25.90 -9.15 18.62
CA SER A 160 -26.56 -7.86 18.84
C SER A 160 -25.92 -6.74 18.01
N LYS A 161 -24.60 -6.73 17.94
CA LYS A 161 -23.93 -5.71 17.12
C LYS A 161 -24.27 -5.93 15.65
N ASP A 162 -24.34 -7.17 15.23
CA ASP A 162 -24.67 -7.50 13.86
C ASP A 162 -26.07 -7.03 13.49
N TYR A 163 -26.97 -7.04 14.47
CA TYR A 163 -28.34 -6.61 14.25
C TYR A 163 -28.58 -5.15 14.66
N GLY A 164 -27.49 -4.44 14.98
CA GLY A 164 -27.51 -3.04 15.35
C GLY A 164 -28.41 -2.67 16.51
N VAL A 165 -28.56 -3.58 17.46
CA VAL A 165 -29.46 -3.35 18.58
C VAL A 165 -28.73 -3.21 19.91
N TYR A 166 -27.41 -3.25 19.83
CA TYR A 166 -26.57 -3.22 21.01
C TYR A 166 -26.39 -1.80 21.54
N LEU A 167 -26.46 -1.64 22.87
CA LEU A 167 -26.20 -0.35 23.49
C LEU A 167 -24.83 -0.29 24.17
N GLU A 168 -23.84 0.34 23.50
CA GLU A 168 -22.45 0.37 23.99
C GLU A 168 -22.32 0.91 25.41
N ASP A 169 -23.15 1.91 25.71
CA ASP A 169 -23.22 2.59 26.99
CA ASP A 169 -23.10 2.54 27.01
C ASP A 169 -23.71 1.70 28.13
N SER A 170 -24.65 0.80 27.79
CA SER A 170 -25.30 -0.02 28.81
C SER A 170 -24.80 -1.46 28.92
N GLY A 171 -24.33 -2.02 27.82
CA GLY A 171 -23.85 -3.38 27.82
C GLY A 171 -24.91 -4.45 27.54
N HIS A 172 -26.04 -4.01 26.96
CA HIS A 172 -27.12 -4.94 26.58
C HIS A 172 -27.90 -4.33 25.41
N THR A 173 -28.95 -4.99 24.94
CA THR A 173 -29.61 -4.51 23.73
C THR A 173 -30.77 -3.58 24.10
N LEU A 174 -31.34 -2.91 23.10
CA LEU A 174 -32.65 -2.29 23.29
C LEU A 174 -33.68 -3.32 22.85
N ARG A 175 -34.93 -2.89 22.72
CA ARG A 175 -35.98 -3.81 22.26
C ARG A 175 -36.05 -3.88 20.75
N GLY A 176 -35.27 -4.77 20.15
CA GLY A 176 -35.26 -4.91 18.71
C GLY A 176 -35.96 -6.17 18.26
N LEU A 177 -36.81 -6.07 17.23
CA LEU A 177 -37.53 -7.24 16.70
C LEU A 177 -37.41 -7.25 15.18
N PHE A 178 -37.26 -8.46 14.65
CA PHE A 178 -36.94 -8.63 13.25
C PHE A 178 -37.80 -9.73 12.66
N ILE A 179 -38.40 -9.45 11.51
CA ILE A 179 -39.19 -10.45 10.81
C ILE A 179 -38.42 -10.87 9.57
N ILE A 180 -38.16 -12.17 9.52
CA ILE A 180 -37.29 -12.75 8.53
C ILE A 180 -38.12 -13.78 7.85
N ASP A 181 -38.13 -13.77 6.52
CA ASP A 181 -38.99 -14.69 5.79
C ASP A 181 -38.36 -16.06 5.59
N ASP A 182 -39.09 -16.98 4.97
CA ASP A 182 -38.62 -18.35 4.80
C ASP A 182 -37.40 -18.48 3.89
N LYS A 183 -37.08 -17.43 3.14
CA LYS A 183 -35.87 -17.41 2.33
C LYS A 183 -34.70 -16.81 3.11
N GLY A 184 -34.96 -16.40 4.34
CA GLY A 184 -33.96 -15.73 5.13
C GLY A 184 -33.75 -14.27 4.76
N ILE A 185 -34.70 -13.66 4.07
CA ILE A 185 -34.59 -12.22 3.78
C ILE A 185 -35.19 -11.40 4.91
N LEU A 186 -34.50 -10.35 5.32
CA LEU A 186 -35.04 -9.51 6.38
C LEU A 186 -36.14 -8.61 5.80
N ARG A 187 -37.33 -8.66 6.42
CA ARG A 187 -38.49 -7.95 5.88
C ARG A 187 -38.91 -6.77 6.74
N GLN A 188 -38.68 -6.84 8.05
CA GLN A 188 -39.20 -5.83 8.96
C GLN A 188 -38.29 -5.66 10.17
N ILE A 189 -38.11 -4.41 10.58
CA ILE A 189 -37.29 -4.05 11.73
C ILE A 189 -38.10 -3.12 12.61
N THR A 190 -38.32 -3.53 13.84
CA THR A 190 -38.99 -2.69 14.81
C THR A 190 -38.03 -2.49 15.99
N LEU A 191 -37.65 -1.25 16.25
CA LEU A 191 -36.80 -0.93 17.41
C LEU A 191 -37.52 -0.01 18.41
N ASN A 192 -37.62 -0.45 19.67
CA ASN A 192 -38.18 0.36 20.75
C ASN A 192 -37.15 0.78 21.79
N ASP A 193 -37.24 2.02 22.24
CA ASP A 193 -36.51 2.43 23.44
C ASP A 193 -36.87 1.48 24.58
N LEU A 194 -36.03 1.43 25.61
CA LEU A 194 -36.19 0.46 26.71
C LEU A 194 -37.57 0.33 27.41
N PRO A 195 -38.25 1.46 27.70
CA PRO A 195 -39.45 1.33 28.53
C PRO A 195 -40.76 0.93 27.84
N VAL A 196 -40.78 0.78 26.52
CA VAL A 196 -42.03 0.38 25.88
C VAL A 196 -41.95 -1.00 25.26
N GLY A 197 -42.86 -1.88 25.64
CA GLY A 197 -42.91 -3.23 25.12
C GLY A 197 -43.55 -3.34 23.76
N ARG A 198 -43.34 -4.48 23.12
CA ARG A 198 -43.80 -4.73 21.78
C ARG A 198 -45.19 -5.35 21.76
N SER A 199 -45.75 -5.57 20.57
CA SER A 199 -47.09 -6.10 20.46
C SER A 199 -47.16 -7.37 19.65
N VAL A 200 -47.69 -8.43 20.26
CA VAL A 200 -47.88 -9.68 19.56
C VAL A 200 -48.87 -9.53 18.41
N ASP A 201 -49.95 -8.79 18.66
CA ASP A 201 -50.97 -8.55 17.62
C ASP A 201 -50.35 -7.86 16.41
N GLU A 202 -49.64 -6.76 16.63
CA GLU A 202 -49.01 -6.07 15.52
C GLU A 202 -48.02 -6.99 14.81
N THR A 203 -47.27 -7.76 15.59
CA THR A 203 -46.27 -8.68 15.01
C THR A 203 -46.94 -9.69 14.09
N LEU A 204 -48.09 -10.20 14.53
CA LEU A 204 -48.84 -11.19 13.76
CA LEU A 204 -48.83 -11.19 13.75
C LEU A 204 -49.34 -10.59 12.44
N ARG A 205 -49.91 -9.39 12.52
CA ARG A 205 -50.44 -8.71 11.35
C ARG A 205 -49.36 -8.55 10.28
N LEU A 206 -48.17 -8.19 10.72
CA LEU A 206 -47.06 -7.97 9.79
C LEU A 206 -46.64 -9.28 9.16
N VAL A 207 -46.52 -10.33 9.96
CA VAL A 207 -46.13 -11.62 9.41
C VAL A 207 -47.14 -12.10 8.37
N GLN A 208 -48.42 -11.87 8.67
CA GLN A 208 -49.50 -12.31 7.79
C GLN A 208 -49.45 -11.52 6.50
N ALA A 209 -49.29 -10.20 6.62
CA ALA A 209 -49.17 -9.32 5.47
C ALA A 209 -48.01 -9.68 4.53
N PHE A 210 -46.82 -9.93 5.08
CA PHE A 210 -45.69 -10.32 4.25
C PHE A 210 -45.94 -11.68 3.61
N GLN A 211 -46.52 -12.60 4.38
CA GLN A 211 -46.85 -13.90 3.83
C GLN A 211 -47.83 -13.70 2.69
N TYR A 212 -48.81 -12.82 2.91
CA TYR A 212 -49.80 -12.52 1.89
C TYR A 212 -49.17 -11.94 0.63
N THR A 213 -48.45 -10.82 0.78
CA THR A 213 -47.78 -10.18 -0.36
C THR A 213 -46.73 -11.09 -0.99
N ASP A 214 -46.25 -12.08 -0.24
CA ASP A 214 -45.36 -13.09 -0.82
C ASP A 214 -46.12 -13.96 -1.81
N LYS A 215 -47.33 -14.39 -1.43
CA LYS A 215 -48.11 -15.34 -2.22
C LYS A 215 -48.84 -14.70 -3.41
N HIS A 216 -49.19 -13.42 -3.29
CA HIS A 216 -50.03 -12.74 -4.29
C HIS A 216 -49.36 -11.49 -4.86
N GLY A 217 -49.77 -11.12 -6.07
CA GLY A 217 -49.20 -9.94 -6.71
C GLY A 217 -49.88 -8.67 -6.26
N GLU A 218 -50.00 -8.52 -4.94
CA GLU A 218 -50.73 -7.41 -4.33
C GLU A 218 -49.93 -6.76 -3.19
N VAL A 219 -50.34 -5.57 -2.78
CA VAL A 219 -49.70 -4.92 -1.63
C VAL A 219 -50.76 -4.60 -0.57
N CYS A 220 -50.32 -4.48 0.69
CA CYS A 220 -51.25 -4.32 1.80
C CYS A 220 -51.31 -2.89 2.29
N PRO A 221 -52.49 -2.26 2.20
CA PRO A 221 -52.66 -0.86 2.59
C PRO A 221 -52.46 -0.66 4.09
N ALA A 222 -52.43 0.61 4.52
CA ALA A 222 -52.35 0.94 5.94
C ALA A 222 -53.39 0.15 6.76
N GLY A 223 -52.93 -0.47 7.83
CA GLY A 223 -53.80 -1.15 8.78
C GLY A 223 -54.29 -2.53 8.35
N TRP A 224 -53.87 -2.98 7.17
CA TRP A 224 -54.32 -4.26 6.63
C TRP A 224 -54.33 -5.37 7.67
N LYS A 225 -55.42 -6.11 7.74
CA LYS A 225 -55.44 -7.37 8.47
C LYS A 225 -56.01 -8.41 7.51
N PRO A 226 -55.86 -9.70 7.83
CA PRO A 226 -56.45 -10.71 6.93
C PRO A 226 -57.95 -10.44 6.69
N GLY A 227 -58.34 -10.50 5.43
CA GLY A 227 -59.70 -10.20 5.04
C GLY A 227 -59.83 -8.85 4.34
N SER A 228 -58.89 -7.93 4.62
CA SER A 228 -58.99 -6.55 4.14
C SER A 228 -58.71 -6.40 2.65
N GLU A 229 -59.13 -5.26 2.12
CA GLU A 229 -58.85 -4.88 0.74
C GLU A 229 -57.36 -4.78 0.49
N THR A 230 -56.93 -5.26 -0.68
CA THR A 230 -55.53 -5.16 -1.09
C THR A 230 -55.47 -4.33 -2.37
N ILE A 231 -54.25 -3.96 -2.77
CA ILE A 231 -54.06 -3.17 -3.97
C ILE A 231 -53.18 -3.88 -5.00
N ILE A 232 -53.55 -3.77 -6.27
CA ILE A 232 -52.74 -4.30 -7.35
C ILE A 232 -51.74 -3.22 -7.72
N PRO A 233 -50.44 -3.47 -7.49
CA PRO A 233 -49.38 -2.46 -7.68
C PRO A 233 -49.01 -2.12 -9.13
N ASP A 234 -49.96 -1.62 -9.90
CA ASP A 234 -49.61 -0.94 -11.15
C ASP A 234 -50.56 0.21 -11.36
N PRO A 235 -50.21 1.15 -12.25
CA PRO A 235 -51.03 2.35 -12.39
C PRO A 235 -52.47 2.05 -12.83
N ALA A 236 -52.67 0.98 -13.60
CA ALA A 236 -54.00 0.65 -14.10
C ALA A 236 -54.81 -0.14 -13.06
N GLY A 237 -54.26 -1.29 -12.67
CA GLY A 237 -54.91 -2.16 -11.70
C GLY A 237 -55.15 -1.51 -10.36
N LYS A 238 -54.34 -0.54 -9.98
CA LYS A 238 -54.48 0.11 -8.68
C LYS A 238 -55.87 0.74 -8.48
N LEU A 239 -56.54 1.10 -9.58
CA LEU A 239 -57.80 1.83 -9.54
C LEU A 239 -59.02 0.98 -9.13
N LYS A 240 -58.91 -0.33 -9.30
CA LYS A 240 -59.93 -1.27 -8.81
C LYS A 240 -60.04 -1.17 -7.29
N TYR A 241 -58.92 -0.87 -6.63
CA TYR A 241 -58.92 -0.59 -5.20
C TYR A 241 -59.44 0.82 -4.86
N PHE A 242 -58.93 1.84 -5.55
CA PHE A 242 -59.21 3.25 -5.19
C PHE A 242 -60.62 3.78 -5.53
N ASP A 243 -61.15 3.40 -6.70
CA ASP A 243 -62.51 3.78 -7.05
C ASP A 243 -63.53 3.10 -6.16
N LYS A 244 -63.31 1.81 -5.92
CA LYS A 244 -64.13 1.03 -4.98
C LYS A 244 -64.18 1.67 -3.58
N LEU A 245 -63.02 1.91 -2.99
CA LEU A 245 -62.92 2.43 -1.63
C LEU A 245 -63.65 3.77 -1.45
N ASN A 246 -63.64 4.59 -2.49
CA ASN A 246 -64.21 5.93 -2.42
C ASN A 246 -65.45 6.13 -3.32
N HIS B 50 6.94 -4.86 21.76
CA HIS B 50 7.05 -6.32 21.75
C HIS B 50 6.07 -6.97 22.73
N LEU B 51 5.02 -7.61 22.19
CA LEU B 51 3.89 -8.08 22.99
C LEU B 51 4.03 -9.49 23.61
N SER B 52 3.43 -9.66 24.79
CA SER B 52 3.36 -10.96 25.46
C SER B 52 2.51 -11.94 24.67
N LYS B 53 3.07 -13.12 24.40
CA LYS B 53 2.41 -14.15 23.62
C LYS B 53 1.81 -15.24 24.52
N ALA B 54 1.95 -15.07 25.83
CA ALA B 54 1.52 -16.08 26.79
C ALA B 54 0.05 -15.91 27.10
N LYS B 55 -0.77 -16.83 26.58
CA LYS B 55 -2.19 -16.78 26.79
C LYS B 55 -2.73 -18.12 27.28
N ILE B 56 -3.54 -18.05 28.33
CA ILE B 56 -4.09 -19.23 28.93
C ILE B 56 -5.01 -19.96 27.95
N SER B 57 -4.89 -21.29 27.91
CA SER B 57 -5.67 -22.16 27.04
C SER B 57 -5.17 -22.16 25.60
N LYS B 58 -4.02 -21.51 25.38
CA LYS B 58 -3.36 -21.53 24.10
C LYS B 58 -1.99 -22.20 24.28
N PRO B 59 -1.39 -22.67 23.17
CA PRO B 59 -0.05 -23.23 23.32
C PRO B 59 0.89 -22.21 23.97
N ALA B 60 1.61 -22.62 25.00
CA ALA B 60 2.59 -21.76 25.64
C ALA B 60 3.63 -21.34 24.60
N PRO B 61 4.02 -20.06 24.60
CA PRO B 61 5.02 -19.57 23.65
C PRO B 61 6.22 -20.49 23.66
N TYR B 62 6.64 -20.95 22.49
CA TYR B 62 7.84 -21.78 22.35
C TYR B 62 9.08 -21.05 22.84
N TRP B 63 9.99 -21.79 23.44
CA TRP B 63 11.30 -21.25 23.79
C TRP B 63 12.41 -22.28 23.64
N GLU B 64 13.63 -21.78 23.46
CA GLU B 64 14.83 -22.61 23.44
C GLU B 64 16.03 -21.76 23.82
N GLY B 65 17.03 -22.37 24.42
CA GLY B 65 18.19 -21.63 24.86
C GLY B 65 19.18 -22.53 25.57
N THR B 66 20.17 -21.93 26.21
CA THR B 66 21.19 -22.69 26.91
C THR B 66 20.86 -22.73 28.38
N ALA B 67 20.94 -23.92 28.98
CA ALA B 67 20.67 -24.06 30.39
C ALA B 67 21.81 -24.80 31.07
N VAL B 68 21.87 -24.66 32.39
CA VAL B 68 22.79 -25.45 33.19
C VAL B 68 22.07 -26.63 33.82
N ILE B 69 22.33 -27.81 33.27
CA ILE B 69 21.77 -29.06 33.77
C ILE B 69 22.86 -29.97 34.35
N ASP B 70 22.81 -30.20 35.65
CA ASP B 70 23.81 -31.04 36.29
C ASP B 70 25.20 -30.56 35.90
N GLY B 71 25.47 -29.29 36.17
CA GLY B 71 26.78 -28.72 35.99
C GLY B 71 27.22 -28.43 34.56
N GLU B 72 26.39 -28.72 33.58
CA GLU B 72 26.84 -28.55 32.20
C GLU B 72 25.92 -27.67 31.36
N PHE B 73 26.48 -27.14 30.28
CA PHE B 73 25.71 -26.40 29.32
C PHE B 73 25.04 -27.34 28.33
N LYS B 74 23.72 -27.37 28.37
CA LYS B 74 22.93 -28.11 27.38
C LYS B 74 21.91 -27.19 26.74
N GLU B 75 21.61 -27.44 25.48
CA GLU B 75 20.49 -26.81 24.80
CA GLU B 75 20.50 -26.77 24.84
C GLU B 75 19.20 -27.38 25.34
N LEU B 76 18.24 -26.53 25.67
CA LEU B 76 16.95 -26.96 26.21
C LEU B 76 15.82 -26.34 25.41
N LYS B 77 14.80 -27.13 25.08
CA LYS B 77 13.64 -26.63 24.34
C LYS B 77 12.34 -26.89 25.09
N LEU B 78 11.43 -25.94 25.07
CA LEU B 78 10.09 -26.18 25.62
C LEU B 78 9.57 -27.54 25.18
N THR B 79 9.59 -27.80 23.88
CA THR B 79 9.16 -29.07 23.32
C THR B 79 9.80 -30.31 23.94
N ASP B 80 10.90 -30.17 24.67
CA ASP B 80 11.52 -31.32 25.29
C ASP B 80 10.66 -31.88 26.42
N TYR B 81 9.60 -31.16 26.76
CA TYR B 81 8.78 -31.52 27.90
C TYR B 81 7.37 -31.92 27.53
N ARG B 82 7.08 -32.01 26.22
CA ARG B 82 5.81 -32.56 25.79
C ARG B 82 5.67 -33.91 26.45
N GLY B 83 4.46 -34.26 26.86
CA GLY B 83 4.24 -35.50 27.59
C GLY B 83 4.19 -35.30 29.09
N LYS B 84 4.78 -34.22 29.58
CA LYS B 84 4.79 -33.94 31.01
C LYS B 84 4.19 -32.57 31.29
N TYR B 85 3.75 -32.35 32.53
CA TYR B 85 3.41 -31.00 32.97
C TYR B 85 4.73 -30.30 33.24
N LEU B 86 4.84 -29.04 32.84
CA LEU B 86 6.03 -28.29 33.17
C LEU B 86 5.69 -27.10 34.06
N VAL B 87 6.47 -26.91 35.12
CA VAL B 87 6.41 -25.68 35.88
C VAL B 87 7.58 -24.81 35.44
N PHE B 88 7.30 -23.78 34.65
CA PHE B 88 8.32 -22.93 34.05
C PHE B 88 8.25 -21.59 34.75
N PHE B 89 9.31 -21.19 35.44
CA PHE B 89 9.26 -19.97 36.23
C PHE B 89 10.48 -19.06 36.10
N PHE B 90 10.20 -17.76 36.02
CA PHE B 90 11.23 -16.74 35.89
C PHE B 90 11.58 -16.21 37.26
N TYR B 91 12.84 -15.84 37.45
CA TYR B 91 13.26 -15.10 38.64
C TYR B 91 14.23 -14.00 38.18
N PRO B 92 14.28 -12.87 38.90
CA PRO B 92 15.07 -11.70 38.47
C PRO B 92 16.57 -11.96 38.19
N LEU B 93 17.39 -12.05 39.23
CA LEU B 93 18.84 -12.07 39.10
C LEU B 93 19.56 -13.12 39.95
N ASP B 94 20.52 -13.81 39.35
CA ASP B 94 21.48 -14.59 40.12
C ASP B 94 22.24 -13.64 41.06
N PHE B 95 22.81 -14.20 42.13
CA PHE B 95 23.56 -13.46 43.16
C PHE B 95 22.78 -12.39 43.94
N THR B 96 21.45 -12.55 43.97
CA THR B 96 20.60 -11.76 44.87
C THR B 96 19.97 -12.59 46.00
N PHE B 97 18.68 -12.38 46.28
CA PHE B 97 18.11 -12.65 47.62
C PHE B 97 16.92 -13.62 47.69
N VAL B 98 15.71 -13.20 47.33
CA VAL B 98 14.59 -14.17 47.31
C VAL B 98 14.86 -15.32 46.32
N PRO B 100 17.63 -17.28 45.35
CA PRO B 100 18.18 -18.59 45.76
C PRO B 100 17.16 -19.44 46.51
N THR B 101 16.41 -18.82 47.42
CA THR B 101 15.44 -19.52 48.25
C THR B 101 14.38 -20.24 47.44
N GLU B 102 13.89 -19.60 46.39
CA GLU B 102 12.85 -20.16 45.54
C GLU B 102 13.36 -21.35 44.74
N ILE B 103 14.56 -21.22 44.18
CA ILE B 103 15.16 -22.30 43.42
C ILE B 103 15.43 -23.50 44.32
N ILE B 104 15.77 -23.20 45.55
CA ILE B 104 16.12 -24.24 46.51
C ILE B 104 14.87 -24.97 46.98
N ALA B 105 13.84 -24.18 47.27
CA ALA B 105 12.55 -24.72 47.66
C ALA B 105 11.99 -25.68 46.60
N PHE B 106 12.08 -25.33 45.33
CA PHE B 106 11.60 -26.24 44.28
C PHE B 106 12.53 -27.43 44.07
N GLY B 107 13.84 -27.17 44.12
CA GLY B 107 14.82 -28.23 43.91
C GLY B 107 14.75 -29.27 45.00
N ASP B 108 14.75 -28.82 46.25
CA ASP B 108 14.63 -29.73 47.36
C ASP B 108 13.36 -30.59 47.32
N ARG B 109 12.26 -30.04 46.79
CA ARG B 109 11.03 -30.80 46.74
C ARG B 109 10.70 -31.32 45.34
N LEU B 110 11.72 -31.45 44.50
CA LEU B 110 11.54 -31.88 43.11
C LEU B 110 10.85 -33.23 42.93
N GLU B 111 11.05 -34.14 43.89
CA GLU B 111 10.49 -35.47 43.78
C GLU B 111 8.97 -35.46 43.89
N GLU B 112 8.45 -34.47 44.58
CA GLU B 112 7.01 -34.30 44.70
C GLU B 112 6.38 -33.99 43.34
N PHE B 113 7.16 -33.36 42.47
CA PHE B 113 6.75 -33.00 41.11
C PHE B 113 6.93 -34.13 40.11
N ARG B 114 8.11 -34.75 40.12
CA ARG B 114 8.38 -35.87 39.22
C ARG B 114 7.43 -37.02 39.55
N SER B 115 7.07 -37.14 40.81
CA SER B 115 6.13 -38.16 41.21
C SER B 115 4.73 -37.95 40.58
N ILE B 116 4.41 -36.71 40.19
CA ILE B 116 3.18 -36.44 39.45
C ILE B 116 3.46 -36.01 38.00
N ASN B 117 4.49 -36.61 37.41
CA ASN B 117 4.78 -36.41 35.99
C ASN B 117 5.04 -34.94 35.61
N THR B 118 5.80 -34.26 36.46
CA THR B 118 5.93 -32.83 36.33
C THR B 118 7.36 -32.40 36.54
N GLU B 119 7.90 -31.70 35.54
CA GLU B 119 9.26 -31.21 35.59
C GLU B 119 9.25 -29.74 35.99
N VAL B 120 10.39 -29.26 36.47
CA VAL B 120 10.54 -27.85 36.80
C VAL B 120 11.76 -27.22 36.10
N VAL B 121 11.57 -26.02 35.54
CA VAL B 121 12.64 -25.28 34.91
C VAL B 121 12.61 -23.85 35.41
N ALA B 122 13.78 -23.31 35.77
CA ALA B 122 13.88 -21.93 36.22
C ALA B 122 14.62 -21.10 35.17
N CYS B 123 14.47 -19.78 35.21
CA CYS B 123 15.04 -18.94 34.16
C CYS B 123 15.23 -17.52 34.61
N SER B 124 16.35 -16.93 34.22
CA SER B 124 16.57 -15.50 34.43
C SER B 124 17.35 -14.98 33.25
N VAL B 125 17.60 -13.68 33.24
CA VAL B 125 18.27 -13.02 32.10
C VAL B 125 19.78 -13.22 32.15
N ASP B 126 20.29 -13.81 33.23
CA ASP B 126 21.71 -14.07 33.39
C ASP B 126 22.19 -15.11 32.37
N SER B 127 23.47 -15.05 32.04
CA SER B 127 24.12 -15.99 31.15
C SER B 127 24.25 -17.37 31.77
N GLN B 128 24.58 -18.36 30.96
CA GLN B 128 24.85 -19.70 31.47
C GLN B 128 26.12 -19.73 32.35
N PHE B 129 27.03 -18.78 32.14
CA PHE B 129 28.27 -18.71 32.92
C PHE B 129 28.00 -18.15 34.32
N THR B 130 27.14 -17.15 34.40
CA THR B 130 26.69 -16.65 35.71
C THR B 130 25.89 -17.72 36.48
N HIS B 131 24.98 -18.41 35.79
CA HIS B 131 24.27 -19.53 36.41
C HIS B 131 25.24 -20.55 37.01
N LEU B 132 26.22 -20.97 36.21
CA LEU B 132 27.14 -22.00 36.64
C LEU B 132 28.02 -21.55 37.81
N ALA B 133 28.32 -20.26 37.85
CA ALA B 133 29.09 -19.73 38.96
C ALA B 133 28.23 -19.66 40.22
N TRP B 134 26.93 -19.51 40.03
CA TRP B 134 26.01 -19.37 41.15
C TRP B 134 25.87 -20.72 41.81
N ILE B 135 25.57 -21.72 40.99
CA ILE B 135 25.59 -23.12 41.37
C ILE B 135 26.89 -23.50 42.10
N ASN B 136 28.03 -22.98 41.63
CA ASN B 136 29.33 -23.28 42.24
C ASN B 136 29.68 -22.40 43.43
N THR B 137 28.77 -21.52 43.82
CA THR B 137 28.93 -20.75 45.07
C THR B 137 28.14 -21.46 46.15
N PRO B 138 28.75 -21.66 47.34
CA PRO B 138 28.09 -22.39 48.43
C PRO B 138 26.89 -21.62 49.00
N ARG B 139 25.82 -22.34 49.38
CA ARG B 139 24.58 -21.72 49.82
C ARG B 139 24.79 -20.72 50.93
N ARG B 140 25.91 -20.83 51.63
CA ARG B 140 26.26 -19.95 52.73
C ARG B 140 26.53 -18.50 52.27
N GLN B 141 27.03 -18.36 51.05
CA GLN B 141 27.27 -17.04 50.47
C GLN B 141 26.23 -16.68 49.39
N GLY B 142 24.97 -16.99 49.67
CA GLY B 142 23.90 -16.69 48.75
C GLY B 142 24.01 -17.46 47.44
N GLY B 143 24.94 -18.40 47.39
CA GLY B 143 25.06 -19.28 46.24
C GLY B 143 23.92 -20.27 46.26
N LEU B 144 23.90 -21.14 45.27
CA LEU B 144 22.87 -22.16 45.18
C LEU B 144 23.39 -23.49 45.67
N GLY B 145 24.69 -23.70 45.51
CA GLY B 145 25.23 -25.03 45.65
C GLY B 145 24.52 -25.90 44.63
N PRO B 146 24.82 -27.20 44.64
CA PRO B 146 24.20 -28.05 43.61
C PRO B 146 22.67 -27.93 43.58
N ILE B 147 22.08 -28.32 42.47
CA ILE B 147 20.67 -28.13 42.20
C ILE B 147 20.24 -29.12 41.10
N ARG B 148 18.97 -29.51 41.14
N ARG B 148 19.01 -29.61 41.12
CA ARG B 148 18.43 -30.58 40.30
CA ARG B 148 18.62 -30.58 40.09
C ARG B 148 17.50 -30.05 39.22
C ARG B 148 17.83 -29.95 38.94
N ILE B 149 17.36 -28.73 39.18
CA ILE B 149 16.51 -28.03 38.21
CA ILE B 149 16.52 -28.07 38.18
C ILE B 149 17.34 -27.23 37.21
N PRO B 150 17.11 -27.43 35.91
CA PRO B 150 17.78 -26.61 34.90
C PRO B 150 17.69 -25.12 35.22
N LEU B 151 18.77 -24.38 35.01
CA LEU B 151 18.69 -22.92 35.03
C LEU B 151 18.85 -22.40 33.60
N LEU B 152 17.73 -22.00 33.00
CA LEU B 152 17.70 -21.51 31.64
C LEU B 152 18.24 -20.09 31.60
N SER B 153 18.86 -19.73 30.49
CA SER B 153 19.47 -18.41 30.33
C SER B 153 18.70 -17.63 29.29
N ASP B 154 18.24 -16.43 29.65
CA ASP B 154 17.52 -15.62 28.68
C ASP B 154 18.30 -14.35 28.36
N LEU B 155 19.57 -14.51 27.98
CA LEU B 155 20.45 -13.36 27.68
C LEU B 155 19.85 -12.36 26.69
N THR B 156 19.21 -12.84 25.63
CA THR B 156 18.69 -11.91 24.62
C THR B 156 17.42 -11.22 25.06
N HIS B 157 16.80 -11.72 26.13
CA HIS B 157 15.57 -11.18 26.70
C HIS B 157 14.33 -11.59 25.90
N GLN B 158 14.53 -12.39 24.88
CA GLN B 158 13.44 -12.78 23.99
C GLN B 158 12.39 -13.65 24.67
N ILE B 159 12.83 -14.57 25.52
CA ILE B 159 11.90 -15.47 26.17
C ILE B 159 11.07 -14.72 27.20
N SER B 160 11.73 -13.92 28.03
CA SER B 160 11.05 -13.06 29.00
C SER B 160 9.96 -12.19 28.35
N LYS B 161 10.24 -11.67 27.16
CA LYS B 161 9.29 -10.84 26.46
C LYS B 161 8.14 -11.67 25.91
N ASP B 162 8.44 -12.89 25.50
CA ASP B 162 7.41 -13.77 25.00
C ASP B 162 6.44 -14.16 26.11
N TYR B 163 6.96 -14.19 27.35
CA TYR B 163 6.15 -14.56 28.48
C TYR B 163 5.60 -13.37 29.26
N GLY B 164 5.90 -12.16 28.79
CA GLY B 164 5.36 -10.95 29.39
C GLY B 164 5.82 -10.69 30.82
N VAL B 165 7.07 -11.05 31.13
CA VAL B 165 7.60 -10.84 32.48
C VAL B 165 8.84 -9.92 32.47
N TYR B 166 9.19 -9.42 31.30
CA TYR B 166 10.38 -8.60 31.17
C TYR B 166 10.08 -7.20 31.68
N LEU B 167 10.97 -6.67 32.53
CA LEU B 167 10.81 -5.31 33.05
C LEU B 167 11.70 -4.33 32.27
N GLU B 168 11.12 -3.63 31.32
CA GLU B 168 11.89 -2.77 30.43
C GLU B 168 12.85 -1.80 31.13
N ASP B 169 12.46 -1.25 32.28
CA ASP B 169 13.33 -0.33 33.03
C ASP B 169 14.41 -0.99 33.89
N SER B 170 14.22 -2.25 34.25
CA SER B 170 15.13 -2.92 35.17
C SER B 170 16.12 -3.81 34.46
N GLY B 171 15.73 -4.37 33.32
CA GLY B 171 16.63 -5.21 32.55
C GLY B 171 16.58 -6.67 32.99
N HIS B 172 15.51 -7.03 33.69
CA HIS B 172 15.30 -8.43 34.08
C HIS B 172 13.82 -8.67 34.30
N THR B 173 13.46 -9.86 34.76
CA THR B 173 12.07 -10.25 34.89
C THR B 173 11.56 -9.97 36.29
N LEU B 174 10.23 -9.97 36.47
CA LEU B 174 9.63 -10.06 37.80
C LEU B 174 9.50 -11.53 38.13
N ARG B 175 8.76 -11.86 39.19
CA ARG B 175 8.57 -13.27 39.53
C ARG B 175 7.39 -13.89 38.84
N GLY B 176 7.60 -14.44 37.65
CA GLY B 176 6.50 -15.00 36.89
C GLY B 176 6.58 -16.50 36.84
N LEU B 177 5.47 -17.18 37.11
CA LEU B 177 5.43 -18.63 37.07
C LEU B 177 4.34 -19.12 36.14
N PHE B 178 4.65 -20.12 35.34
CA PHE B 178 3.73 -20.59 34.33
C PHE B 178 3.56 -22.10 34.44
N ILE B 179 2.31 -22.56 34.40
CA ILE B 179 2.04 -24.00 34.49
C ILE B 179 1.56 -24.45 33.14
N ILE B 180 2.35 -25.29 32.51
CA ILE B 180 2.09 -25.74 31.15
C ILE B 180 1.80 -27.22 31.25
N ASP B 181 0.72 -27.66 30.61
CA ASP B 181 0.36 -29.06 30.69
C ASP B 181 1.12 -29.88 29.66
N ASP B 182 0.77 -31.15 29.52
CA ASP B 182 1.53 -32.11 28.71
C ASP B 182 1.23 -32.00 27.23
N LYS B 183 0.13 -31.34 26.90
CA LYS B 183 -0.17 -31.05 25.51
C LYS B 183 0.52 -29.76 25.07
N GLY B 184 1.24 -29.14 26.01
CA GLY B 184 1.95 -27.91 25.73
C GLY B 184 1.10 -26.66 25.89
N ILE B 185 -0.13 -26.82 26.39
CA ILE B 185 -1.05 -25.71 26.62
C ILE B 185 -0.81 -24.97 27.95
N LEU B 186 -0.76 -23.65 27.92
CA LEU B 186 -0.60 -22.88 29.13
C LEU B 186 -1.90 -22.90 29.95
N ARG B 187 -1.79 -23.21 31.25
CA ARG B 187 -2.97 -23.38 32.07
C ARG B 187 -3.12 -22.37 33.21
N GLN B 188 -2.02 -21.77 33.66
CA GLN B 188 -2.02 -20.92 34.86
C GLN B 188 -0.90 -19.90 34.76
N ILE B 189 -1.14 -18.67 35.23
CA ILE B 189 -0.10 -17.65 35.25
C ILE B 189 -0.08 -16.97 36.60
N THR B 190 1.08 -16.96 37.23
CA THR B 190 1.20 -16.28 38.51
C THR B 190 2.31 -15.25 38.38
N LEU B 191 2.01 -13.98 38.64
CA LEU B 191 3.01 -12.92 38.56
C LEU B 191 3.11 -12.15 39.86
N ASN B 192 4.30 -12.15 40.46
CA ASN B 192 4.54 -11.48 41.73
C ASN B 192 5.50 -10.34 41.57
N ASP B 193 5.19 -9.22 42.18
CA ASP B 193 6.15 -8.15 42.29
C ASP B 193 7.39 -8.72 42.98
N LEU B 194 8.54 -8.09 42.75
CA LEU B 194 9.85 -8.63 43.16
C LEU B 194 9.99 -9.09 44.63
N PRO B 195 9.45 -8.30 45.59
CA PRO B 195 9.64 -8.59 47.01
C PRO B 195 9.10 -9.95 47.49
N VAL B 196 8.11 -10.52 46.82
CA VAL B 196 7.41 -11.66 47.41
C VAL B 196 7.58 -12.97 46.64
N GLY B 197 8.15 -13.95 47.31
CA GLY B 197 8.42 -15.23 46.69
C GLY B 197 7.19 -16.08 46.53
N ARG B 198 7.33 -17.11 45.70
CA ARG B 198 6.25 -18.00 45.37
C ARG B 198 6.20 -19.20 46.32
N SER B 199 5.18 -20.04 46.19
CA SER B 199 4.95 -21.15 47.12
C SER B 199 4.85 -22.49 46.40
N VAL B 200 5.70 -23.44 46.79
CA VAL B 200 5.72 -24.78 46.21
C VAL B 200 4.43 -25.55 46.45
N ASP B 201 3.86 -25.37 47.65
CA ASP B 201 2.61 -26.04 48.01
C ASP B 201 1.49 -25.59 47.08
N GLU B 202 1.37 -24.27 46.88
CA GLU B 202 0.32 -23.74 46.02
C GLU B 202 0.52 -24.27 44.60
N THR B 203 1.77 -24.32 44.17
CA THR B 203 2.09 -24.78 42.82
C THR B 203 1.73 -26.25 42.68
N LEU B 204 2.00 -27.00 43.74
CA LEU B 204 1.70 -28.42 43.77
C LEU B 204 0.20 -28.59 43.66
N ARG B 205 -0.54 -27.78 44.42
CA ARG B 205 -1.98 -27.86 44.43
C ARG B 205 -2.59 -27.61 43.05
N LEU B 206 -2.09 -26.59 42.37
CA LEU B 206 -2.61 -26.22 41.06
C LEU B 206 -2.33 -27.30 40.02
N VAL B 207 -1.15 -27.89 40.06
CA VAL B 207 -0.80 -28.94 39.10
C VAL B 207 -1.71 -30.15 39.28
N GLN B 208 -1.90 -30.55 40.54
CA GLN B 208 -2.77 -31.67 40.87
C GLN B 208 -4.19 -31.36 40.44
N ALA B 209 -4.70 -30.18 40.82
CA ALA B 209 -6.01 -29.74 40.32
C ALA B 209 -6.17 -29.84 38.79
N PHE B 210 -5.19 -29.36 38.02
CA PHE B 210 -5.33 -29.41 36.56
C PHE B 210 -5.30 -30.85 36.05
N GLN B 211 -4.43 -31.67 36.64
CA GLN B 211 -4.33 -33.06 36.26
C GLN B 211 -5.62 -33.80 36.57
N TYR B 212 -6.24 -33.46 37.69
CA TYR B 212 -7.49 -34.08 38.09
C TYR B 212 -8.59 -33.71 37.11
N THR B 213 -8.73 -32.41 36.90
CA THR B 213 -9.79 -31.92 36.07
C THR B 213 -9.56 -32.35 34.61
N ASP B 214 -8.30 -32.48 34.21
CA ASP B 214 -7.96 -33.06 32.91
C ASP B 214 -8.51 -34.49 32.78
N LYS B 215 -8.39 -35.27 33.85
CA LYS B 215 -8.84 -36.66 33.84
C LYS B 215 -10.37 -36.81 33.92
N HIS B 216 -11.01 -36.07 34.82
CA HIS B 216 -12.41 -36.34 35.16
C HIS B 216 -13.43 -35.42 34.51
N GLY B 217 -13.05 -34.19 34.19
CA GLY B 217 -13.98 -33.23 33.64
C GLY B 217 -14.85 -32.56 34.70
N GLU B 218 -14.78 -33.04 35.95
CA GLU B 218 -15.38 -32.32 37.06
C GLU B 218 -14.49 -31.11 37.38
N VAL B 219 -15.01 -30.13 38.10
CA VAL B 219 -14.28 -28.89 38.32
C VAL B 219 -13.83 -28.75 39.78
N CYS B 220 -12.78 -27.97 40.00
CA CYS B 220 -12.17 -27.85 41.32
C CYS B 220 -12.53 -26.54 42.02
N PRO B 221 -13.35 -26.66 43.06
CA PRO B 221 -13.82 -25.58 43.94
C PRO B 221 -12.67 -24.82 44.59
N ALA B 222 -12.97 -23.61 45.05
CA ALA B 222 -12.02 -22.83 45.85
C ALA B 222 -11.37 -23.69 46.94
N GLY B 223 -10.05 -23.59 47.03
CA GLY B 223 -9.30 -24.26 48.09
C GLY B 223 -9.05 -25.73 47.88
N TRP B 224 -9.46 -26.27 46.73
CA TRP B 224 -9.35 -27.70 46.44
C TRP B 224 -7.96 -28.30 46.68
N LYS B 225 -7.93 -29.45 47.34
CA LYS B 225 -6.72 -30.27 47.45
C LYS B 225 -7.13 -31.68 47.10
N PRO B 226 -6.16 -32.57 46.85
CA PRO B 226 -6.50 -33.99 46.67
C PRO B 226 -7.43 -34.52 47.78
N GLY B 227 -8.46 -35.27 47.38
CA GLY B 227 -9.42 -35.81 48.31
C GLY B 227 -10.63 -34.90 48.55
N SER B 228 -10.53 -33.65 48.13
CA SER B 228 -11.64 -32.67 48.24
C SER B 228 -12.80 -32.95 47.29
N GLU B 229 -13.98 -32.43 47.64
CA GLU B 229 -15.14 -32.51 46.77
C GLU B 229 -14.97 -31.72 45.47
N THR B 230 -15.44 -32.31 44.37
CA THR B 230 -15.48 -31.64 43.08
C THR B 230 -16.92 -31.48 42.57
N ILE B 231 -17.07 -30.80 41.44
CA ILE B 231 -18.39 -30.43 40.90
C ILE B 231 -18.59 -30.85 39.44
N ILE B 232 -19.71 -31.51 39.14
CA ILE B 232 -20.06 -31.82 37.76
C ILE B 232 -20.56 -30.52 37.13
N PRO B 233 -19.89 -30.05 36.07
CA PRO B 233 -20.18 -28.74 35.45
C PRO B 233 -21.42 -28.76 34.53
N ASP B 234 -22.58 -28.92 35.17
CA ASP B 234 -23.88 -29.05 34.50
C ASP B 234 -24.90 -28.42 35.46
N PRO B 235 -25.96 -27.80 34.90
CA PRO B 235 -26.99 -27.17 35.75
C PRO B 235 -27.70 -28.14 36.71
N ALA B 236 -27.81 -29.42 36.33
CA ALA B 236 -28.43 -30.43 37.17
C ALA B 236 -27.38 -31.20 37.99
N GLY B 237 -26.39 -31.76 37.31
CA GLY B 237 -25.32 -32.51 37.95
C GLY B 237 -24.57 -31.73 39.00
N LYS B 238 -24.62 -30.40 38.91
CA LYS B 238 -23.94 -29.54 39.88
C LYS B 238 -24.53 -29.69 41.28
N LEU B 239 -25.76 -30.18 41.35
CA LEU B 239 -26.51 -30.29 42.61
C LEU B 239 -26.06 -31.46 43.49
N LYS B 240 -25.30 -32.40 42.91
CA LYS B 240 -24.69 -33.47 43.70
C LYS B 240 -23.69 -32.89 44.70
N TYR B 241 -23.12 -31.74 44.36
CA TYR B 241 -22.16 -31.04 45.21
C TYR B 241 -22.81 -29.99 46.14
N PHE B 242 -23.64 -29.10 45.59
CA PHE B 242 -24.23 -28.00 46.36
C PHE B 242 -25.28 -28.47 47.37
N ASP B 243 -26.01 -29.51 46.99
CA ASP B 243 -26.95 -30.17 47.88
C ASP B 243 -26.28 -30.95 49.01
N LYS B 244 -25.24 -31.70 48.68
CA LYS B 244 -24.55 -32.57 49.63
C LYS B 244 -23.85 -31.84 50.77
N LEU B 245 -23.15 -30.77 50.43
CA LEU B 245 -22.44 -29.99 51.42
C LEU B 245 -22.98 -28.58 51.40
N ASN B 246 -23.36 -28.08 52.56
CA ASN B 246 -23.92 -26.72 52.63
C ASN B 246 -24.69 -26.31 51.37
N HIS C 50 21.61 6.26 3.56
CA HIS C 50 22.59 5.21 3.26
C HIS C 50 23.38 4.80 4.50
N LEU C 51 23.32 3.51 4.84
CA LEU C 51 23.96 3.03 6.07
C LEU C 51 25.11 2.02 5.86
N SER C 52 26.02 2.01 6.85
CA SER C 52 27.14 1.08 6.86
C SER C 52 26.65 -0.34 6.82
N LYS C 53 27.26 -1.14 5.97
CA LYS C 53 26.94 -2.55 5.88
C LYS C 53 28.02 -3.40 6.56
N ALA C 54 28.97 -2.73 7.20
CA ALA C 54 30.12 -3.39 7.79
C ALA C 54 29.81 -3.94 9.17
N LYS C 55 29.72 -5.25 9.28
CA LYS C 55 29.45 -5.84 10.58
C LYS C 55 30.41 -6.98 10.86
N ILE C 56 30.99 -6.94 12.06
CA ILE C 56 31.90 -7.98 12.52
C ILE C 56 31.19 -9.33 12.52
N SER C 57 31.90 -10.36 12.08
CA SER C 57 31.37 -11.71 11.84
C SER C 57 30.41 -11.89 10.64
N LYS C 58 30.13 -10.82 9.91
CA LYS C 58 29.43 -10.93 8.65
C LYS C 58 30.40 -10.75 7.49
N PRO C 59 30.04 -11.24 6.30
CA PRO C 59 30.94 -10.99 5.18
C PRO C 59 31.19 -9.49 5.00
N ALA C 60 32.46 -9.10 4.81
CA ALA C 60 32.74 -7.70 4.53
C ALA C 60 31.91 -7.28 3.33
N PRO C 61 31.40 -6.04 3.35
CA PRO C 61 30.70 -5.48 2.19
C PRO C 61 31.56 -5.55 0.93
N TYR C 62 30.97 -6.09 -0.13
CA TYR C 62 31.63 -6.20 -1.41
C TYR C 62 31.99 -4.83 -1.97
N TRP C 63 33.11 -4.77 -2.68
CA TRP C 63 33.48 -3.56 -3.39
C TRP C 63 34.28 -3.90 -4.63
N GLU C 64 34.26 -2.97 -5.57
CA GLU C 64 35.13 -3.04 -6.73
C GLU C 64 35.32 -1.63 -7.25
N GLY C 65 36.35 -1.44 -8.06
CA GLY C 65 36.67 -0.12 -8.54
C GLY C 65 38.03 -0.12 -9.19
N THR C 66 38.46 1.07 -9.59
CA THR C 66 39.73 1.20 -10.26
C THR C 66 40.80 1.49 -9.23
N ALA C 67 41.91 0.77 -9.33
CA ALA C 67 43.05 0.98 -8.46
C ALA C 67 44.30 1.20 -9.29
N VAL C 68 45.23 1.98 -8.74
CA VAL C 68 46.54 2.10 -9.35
C VAL C 68 47.37 0.96 -8.79
N ILE C 69 47.75 0.03 -9.66
CA ILE C 69 48.59 -1.07 -9.23
C ILE C 69 49.89 -1.09 -10.02
N ASP C 70 50.97 -0.76 -9.33
CA ASP C 70 52.26 -0.77 -9.98
C ASP C 70 52.21 0.16 -11.20
N GLY C 71 51.85 1.42 -10.94
CA GLY C 71 51.77 2.47 -11.95
C GLY C 71 50.67 2.34 -12.99
N GLU C 72 49.80 1.33 -12.86
CA GLU C 72 48.74 1.12 -13.87
C GLU C 72 47.35 1.07 -13.25
N PHE C 73 46.36 1.44 -14.04
CA PHE C 73 44.97 1.30 -13.63
C PHE C 73 44.49 -0.13 -13.87
N LYS C 74 43.94 -0.76 -12.83
CA LYS C 74 43.40 -2.11 -12.88
C LYS C 74 42.11 -2.16 -12.09
N GLU C 75 41.20 -3.03 -12.49
CA GLU C 75 39.94 -3.18 -11.79
CA GLU C 75 39.92 -3.21 -11.80
C GLU C 75 40.11 -4.18 -10.65
N LEU C 76 39.94 -3.69 -9.42
CA LEU C 76 40.16 -4.48 -8.22
C LEU C 76 38.82 -4.83 -7.55
N LYS C 77 38.69 -6.09 -7.12
CA LYS C 77 37.47 -6.58 -6.43
C LYS C 77 37.82 -7.14 -5.06
N LEU C 78 36.94 -6.97 -4.08
CA LEU C 78 37.19 -7.56 -2.76
C LEU C 78 37.42 -9.05 -2.91
N THR C 79 36.73 -9.67 -3.85
CA THR C 79 36.79 -11.11 -4.04
C THR C 79 38.12 -11.64 -4.58
N ASP C 80 38.97 -10.76 -5.11
CA ASP C 80 40.29 -11.14 -5.58
C ASP C 80 41.18 -11.55 -4.40
N TYR C 81 40.72 -11.26 -3.19
CA TYR C 81 41.53 -11.51 -2.01
C TYR C 81 41.06 -12.72 -1.21
N ARG C 82 39.98 -13.35 -1.66
CA ARG C 82 39.55 -14.59 -1.02
C ARG C 82 40.75 -15.52 -0.99
N GLY C 83 40.95 -16.19 0.14
CA GLY C 83 42.02 -17.14 0.29
C GLY C 83 43.15 -16.54 1.08
N LYS C 84 43.12 -15.22 1.22
CA LYS C 84 44.11 -14.51 2.01
C LYS C 84 43.41 -13.61 2.99
N TYR C 85 44.10 -13.27 4.08
CA TYR C 85 43.62 -12.21 4.96
C TYR C 85 43.81 -10.89 4.23
N LEU C 86 42.95 -9.92 4.51
CA LEU C 86 43.12 -8.59 3.92
C LEU C 86 43.00 -7.45 4.94
N VAL C 87 44.02 -6.61 4.98
CA VAL C 87 43.93 -5.33 5.65
C VAL C 87 43.45 -4.32 4.60
N PHE C 88 42.19 -3.92 4.72
CA PHE C 88 41.58 -2.95 3.83
C PHE C 88 41.38 -1.66 4.61
N PHE C 89 42.04 -0.59 4.18
CA PHE C 89 41.99 0.65 4.95
C PHE C 89 41.76 1.92 4.14
N PHE C 90 40.96 2.80 4.70
CA PHE C 90 40.63 4.09 4.11
C PHE C 90 41.54 5.15 4.67
N TYR C 91 41.79 6.20 3.90
CA TYR C 91 42.50 7.38 4.41
C TYR C 91 41.86 8.57 3.68
N PRO C 92 41.87 9.76 4.31
CA PRO C 92 41.13 10.94 3.86
C PRO C 92 41.40 11.39 2.42
N LEU C 93 42.56 12.01 2.20
CA LEU C 93 42.87 12.70 0.96
C LEU C 93 44.30 12.53 0.53
N ASP C 94 44.49 12.26 -0.77
CA ASP C 94 45.80 12.32 -1.41
C ASP C 94 46.35 13.73 -1.21
N PHE C 95 47.67 13.86 -1.33
CA PHE C 95 48.35 15.15 -1.18
C PHE C 95 48.10 15.86 0.16
N THR C 96 47.73 15.09 1.18
CA THR C 96 47.74 15.59 2.56
C THR C 96 48.89 14.99 3.38
N PHE C 97 48.65 14.69 4.66
CA PHE C 97 49.75 14.68 5.66
C PHE C 97 50.05 13.39 6.38
N VAL C 98 49.22 13.02 7.36
CA VAL C 98 49.32 11.69 7.95
C VAL C 98 49.23 10.64 6.83
N PRO C 100 50.24 10.12 3.42
CA PRO C 100 51.40 9.42 2.84
C PRO C 100 52.15 8.55 3.85
N THR C 101 52.27 9.01 5.10
CA THR C 101 53.07 8.27 6.10
C THR C 101 52.45 6.93 6.50
N GLU C 102 51.14 6.81 6.36
CA GLU C 102 50.46 5.55 6.66
C GLU C 102 50.63 4.60 5.51
N ILE C 103 50.44 5.09 4.30
CA ILE C 103 50.63 4.25 3.14
C ILE C 103 52.08 3.75 3.06
N ILE C 104 53.02 4.67 3.24
CA ILE C 104 54.42 4.31 3.21
C ILE C 104 54.76 3.27 4.30
N ALA C 105 54.35 3.55 5.53
CA ALA C 105 54.57 2.62 6.63
C ALA C 105 54.15 1.18 6.28
N PHE C 106 52.96 1.03 5.70
CA PHE C 106 52.46 -0.29 5.36
C PHE C 106 53.21 -0.86 4.17
N GLY C 107 53.29 -0.07 3.10
CA GLY C 107 53.95 -0.51 1.89
C GLY C 107 55.39 -0.93 2.15
N ASP C 108 56.07 -0.14 2.96
CA ASP C 108 57.47 -0.41 3.21
C ASP C 108 57.67 -1.66 4.06
N ARG C 109 56.64 -2.04 4.82
CA ARG C 109 56.67 -3.26 5.63
C ARG C 109 55.79 -4.36 5.02
N LEU C 110 55.50 -4.26 3.74
CA LEU C 110 54.57 -5.19 3.09
C LEU C 110 54.89 -6.68 3.32
N GLU C 111 56.16 -7.02 3.48
CA GLU C 111 56.54 -8.42 3.56
C GLU C 111 56.13 -9.04 4.90
N GLU C 112 56.06 -8.24 5.95
CA GLU C 112 55.58 -8.74 7.23
C GLU C 112 54.11 -9.20 7.17
N PHE C 113 53.38 -8.71 6.16
CA PHE C 113 52.02 -9.16 5.91
C PHE C 113 52.00 -10.28 4.89
N ARG C 114 52.76 -10.12 3.81
CA ARG C 114 52.75 -11.14 2.77
C ARG C 114 53.35 -12.44 3.27
N SER C 115 54.23 -12.34 4.27
CA SER C 115 54.86 -13.52 4.86
CA SER C 115 54.86 -13.53 4.84
C SER C 115 53.87 -14.29 5.72
N ILE C 116 52.71 -13.70 5.99
CA ILE C 116 51.66 -14.37 6.74
C ILE C 116 50.35 -14.39 5.98
N ASN C 117 50.44 -14.67 4.68
CA ASN C 117 49.29 -14.85 3.80
C ASN C 117 48.26 -13.71 3.91
N THR C 118 48.76 -12.48 3.88
CA THR C 118 47.94 -11.30 4.15
C THR C 118 48.30 -10.20 3.19
N GLU C 119 47.30 -9.59 2.58
CA GLU C 119 47.51 -8.47 1.68
C GLU C 119 47.05 -7.17 2.32
N VAL C 120 47.44 -6.06 1.71
CA VAL C 120 47.06 -4.72 2.16
C VAL C 120 46.56 -3.90 0.97
N VAL C 121 45.38 -3.30 1.12
CA VAL C 121 44.84 -2.43 0.09
C VAL C 121 44.44 -1.11 0.74
N ALA C 122 44.75 0.01 0.10
CA ALA C 122 44.35 1.31 0.64
C ALA C 122 43.32 2.00 -0.27
N CYS C 123 42.59 2.96 0.28
CA CYS C 123 41.47 3.56 -0.45
C CYS C 123 41.19 4.99 0.00
N SER C 124 40.90 5.87 -0.96
CA SER C 124 40.37 7.18 -0.66
C SER C 124 39.39 7.58 -1.75
N VAL C 125 38.71 8.71 -1.54
CA VAL C 125 37.71 9.22 -2.47
C VAL C 125 38.36 9.84 -3.69
N ASP C 126 39.68 9.94 -3.69
CA ASP C 126 40.39 10.55 -4.82
C ASP C 126 40.31 9.70 -6.07
N SER C 127 40.48 10.32 -7.24
CA SER C 127 40.43 9.56 -8.47
C SER C 127 41.73 8.80 -8.69
N GLN C 128 41.69 7.81 -9.57
CA GLN C 128 42.87 7.04 -9.90
C GLN C 128 43.95 7.94 -10.51
N PHE C 129 43.53 8.99 -11.22
CA PHE C 129 44.47 9.95 -11.81
C PHE C 129 45.18 10.72 -10.73
N THR C 130 44.47 11.04 -9.65
CA THR C 130 45.13 11.71 -8.55
C THR C 130 46.03 10.77 -7.74
N HIS C 131 45.62 9.52 -7.58
CA HIS C 131 46.48 8.52 -6.95
C HIS C 131 47.83 8.40 -7.69
N LEU C 132 47.78 8.17 -9.01
CA LEU C 132 49.00 8.06 -9.82
C LEU C 132 49.90 9.29 -9.74
N ALA C 133 49.33 10.49 -9.78
CA ALA C 133 50.13 11.71 -9.69
C ALA C 133 50.81 11.75 -8.34
N TRP C 134 50.12 11.24 -7.33
CA TRP C 134 50.66 11.22 -5.97
C TRP C 134 51.83 10.25 -5.89
N ILE C 135 51.62 9.03 -6.36
CA ILE C 135 52.68 8.06 -6.48
C ILE C 135 53.89 8.63 -7.27
N ASN C 136 53.60 9.43 -8.30
CA ASN C 136 54.62 10.08 -9.12
C ASN C 136 55.20 11.34 -8.47
N THR C 137 54.93 11.54 -7.18
CA THR C 137 55.50 12.68 -6.47
C THR C 137 56.51 12.12 -5.49
N PRO C 138 57.76 12.62 -5.53
CA PRO C 138 58.80 12.12 -4.63
C PRO C 138 58.37 12.20 -3.18
N ARG C 139 58.73 11.21 -2.37
CA ARG C 139 58.40 11.26 -0.95
C ARG C 139 58.78 12.58 -0.29
N ARG C 140 59.80 13.24 -0.82
CA ARG C 140 60.32 14.48 -0.22
C ARG C 140 59.33 15.63 -0.28
N GLN C 141 58.32 15.49 -1.15
CA GLN C 141 57.28 16.51 -1.28
C GLN C 141 55.91 16.03 -0.80
N GLY C 142 55.91 15.05 0.09
CA GLY C 142 54.66 14.50 0.59
C GLY C 142 54.00 13.63 -0.47
N GLY C 143 54.80 13.11 -1.40
CA GLY C 143 54.32 12.11 -2.32
C GLY C 143 54.54 10.74 -1.73
N LEU C 144 54.25 9.71 -2.52
CA LEU C 144 54.45 8.35 -2.04
C LEU C 144 55.69 7.74 -2.64
N GLY C 145 56.08 8.25 -3.82
CA GLY C 145 57.03 7.54 -4.65
C GLY C 145 56.41 6.18 -4.93
N PRO C 146 57.14 5.32 -5.66
CA PRO C 146 56.55 4.01 -5.97
C PRO C 146 56.10 3.30 -4.70
N ILE C 147 55.07 2.49 -4.84
CA ILE C 147 54.39 1.86 -3.74
C ILE C 147 53.90 0.48 -4.23
N ARG C 148 53.88 -0.53 -3.35
CA ARG C 148 53.59 -1.89 -3.78
C ARG C 148 52.18 -2.33 -3.39
N ILE C 149 51.53 -1.51 -2.56
CA ILE C 149 50.14 -1.75 -2.20
C ILE C 149 49.19 -0.93 -3.07
N PRO C 150 48.12 -1.57 -3.56
CA PRO C 150 47.15 -0.89 -4.43
C PRO C 150 46.56 0.36 -3.80
N LEU C 151 46.36 1.41 -4.60
CA LEU C 151 45.52 2.52 -4.16
C LEU C 151 44.18 2.43 -4.88
N LEU C 152 43.15 2.07 -4.13
CA LEU C 152 41.79 1.96 -4.66
C LEU C 152 41.13 3.34 -4.64
N SER C 153 40.38 3.64 -5.71
CA SER C 153 39.71 4.93 -5.88
C SER C 153 38.22 4.80 -5.62
N ASP C 154 37.66 5.69 -4.81
CA ASP C 154 36.23 5.60 -4.49
C ASP C 154 35.50 6.91 -4.81
N LEU C 155 35.65 7.37 -6.07
CA LEU C 155 35.08 8.64 -6.49
C LEU C 155 33.57 8.76 -6.20
N THR C 156 32.82 7.69 -6.38
CA THR C 156 31.38 7.74 -6.18
C THR C 156 30.96 7.73 -4.71
N HIS C 157 31.93 7.48 -3.82
CA HIS C 157 31.71 7.35 -2.37
C HIS C 157 30.96 6.10 -2.00
N GLN C 158 30.65 5.24 -2.96
CA GLN C 158 29.87 4.06 -2.65
C GLN C 158 30.60 3.19 -1.62
N ILE C 159 31.88 2.91 -1.87
CA ILE C 159 32.61 2.02 -0.96
C ILE C 159 32.72 2.62 0.43
N SER C 160 33.02 3.91 0.50
CA SER C 160 33.15 4.58 1.79
C SER C 160 31.84 4.52 2.57
N LYS C 161 30.72 4.62 1.86
CA LYS C 161 29.44 4.58 2.52
C LYS C 161 29.12 3.17 2.98
N ASP C 162 29.40 2.19 2.12
CA ASP C 162 29.14 0.81 2.48
C ASP C 162 29.93 0.40 3.71
N TYR C 163 31.07 1.05 3.96
CA TYR C 163 31.92 0.70 5.10
C TYR C 163 31.74 1.65 6.28
N GLY C 164 30.89 2.65 6.07
CA GLY C 164 30.50 3.56 7.13
C GLY C 164 31.62 4.45 7.59
N VAL C 165 32.51 4.82 6.68
CA VAL C 165 33.64 5.67 7.00
C VAL C 165 33.50 7.04 6.34
N TYR C 166 32.48 7.21 5.51
CA TYR C 166 32.28 8.48 4.79
C TYR C 166 31.87 9.65 5.69
N LEU C 167 32.52 10.79 5.52
CA LEU C 167 32.19 12.00 6.28
C LEU C 167 31.39 12.96 5.41
N GLU C 168 30.08 12.96 5.60
CA GLU C 168 29.15 13.74 4.78
C GLU C 168 29.52 15.21 4.69
N ASP C 169 29.89 15.81 5.82
CA ASP C 169 30.26 17.22 5.85
C ASP C 169 31.62 17.56 5.21
N SER C 170 32.42 16.56 4.87
CA SER C 170 33.77 16.81 4.35
C SER C 170 33.96 16.31 2.93
N GLY C 171 33.22 15.28 2.54
CA GLY C 171 33.38 14.70 1.22
C GLY C 171 34.57 13.74 1.08
N HIS C 172 35.04 13.20 2.21
CA HIS C 172 36.05 12.15 2.20
C HIS C 172 35.86 11.32 3.46
N THR C 173 36.73 10.34 3.69
CA THR C 173 36.56 9.41 4.81
C THR C 173 37.35 9.82 6.04
N LEU C 174 37.13 9.12 7.16
CA LEU C 174 38.05 9.22 8.29
C LEU C 174 39.09 8.11 8.18
N ARG C 175 39.90 7.91 9.22
CA ARG C 175 40.87 6.83 9.15
C ARG C 175 40.22 5.54 9.57
N GLY C 176 39.81 4.75 8.59
CA GLY C 176 39.12 3.51 8.89
C GLY C 176 39.89 2.30 8.42
N LEU C 177 40.13 1.35 9.32
CA LEU C 177 40.85 0.15 8.94
C LEU C 177 40.03 -1.11 9.22
N PHE C 178 40.09 -2.07 8.29
CA PHE C 178 39.26 -3.26 8.38
C PHE C 178 40.11 -4.48 8.17
N ILE C 179 39.95 -5.47 9.04
CA ILE C 179 40.67 -6.74 8.90
C ILE C 179 39.71 -7.85 8.50
N ILE C 180 39.90 -8.36 7.29
CA ILE C 180 38.98 -9.29 6.67
C ILE C 180 39.69 -10.62 6.51
N ASP C 181 39.06 -11.71 6.92
CA ASP C 181 39.76 -12.99 6.89
C ASP C 181 39.72 -13.65 5.52
N ASP C 182 40.39 -14.80 5.43
CA ASP C 182 40.54 -15.51 4.16
C ASP C 182 39.21 -16.03 3.63
N LYS C 183 38.20 -16.06 4.50
CA LYS C 183 36.86 -16.51 4.13
CA LYS C 183 36.86 -16.51 4.11
C LYS C 183 35.95 -15.33 3.78
N GLY C 184 36.50 -14.12 3.91
CA GLY C 184 35.81 -12.91 3.53
C GLY C 184 35.03 -12.27 4.65
N ILE C 185 35.21 -12.79 5.86
CA ILE C 185 34.42 -12.34 7.00
C ILE C 185 35.09 -11.16 7.71
N LEU C 186 34.35 -10.13 8.05
CA LEU C 186 34.94 -8.97 8.72
C LEU C 186 35.22 -9.28 10.19
N ARG C 187 36.48 -9.13 10.60
CA ARG C 187 36.90 -9.50 11.96
C ARG C 187 37.25 -8.32 12.87
N GLN C 188 37.64 -7.17 12.31
CA GLN C 188 38.11 -6.07 13.16
C GLN C 188 37.89 -4.73 12.49
N ILE C 189 37.45 -3.76 13.28
CA ILE C 189 37.18 -2.42 12.77
C ILE C 189 37.90 -1.41 13.65
N THR C 190 38.72 -0.58 13.02
CA THR C 190 39.46 0.44 13.73
C THR C 190 39.18 1.79 13.09
N LEU C 191 38.60 2.71 13.84
CA LEU C 191 38.25 4.02 13.29
C LEU C 191 38.95 5.11 14.08
N ASN C 192 39.72 5.94 13.39
CA ASN C 192 40.40 7.07 14.01
C ASN C 192 39.91 8.40 13.50
N ASP C 193 39.74 9.36 14.40
CA ASP C 193 39.57 10.74 13.96
C ASP C 193 40.80 11.13 13.13
N LEU C 194 40.66 12.14 12.29
CA LEU C 194 41.67 12.50 11.28
C LEU C 194 43.12 12.76 11.75
N PRO C 195 43.31 13.43 12.89
CA PRO C 195 44.69 13.81 13.25
C PRO C 195 45.60 12.64 13.63
N VAL C 196 45.04 11.48 13.94
CA VAL C 196 45.88 10.43 14.52
C VAL C 196 46.01 9.16 13.67
N GLY C 197 47.24 8.85 13.29
CA GLY C 197 47.51 7.71 12.42
C GLY C 197 47.44 6.36 13.12
N ARG C 198 47.34 5.32 12.30
CA ARG C 198 47.26 3.96 12.77
C ARG C 198 48.66 3.34 12.96
N SER C 199 48.71 2.09 13.38
CA SER C 199 49.97 1.43 13.68
C SER C 199 50.11 0.11 12.95
N VAL C 200 51.19 -0.02 12.17
CA VAL C 200 51.44 -1.27 11.48
C VAL C 200 51.61 -2.42 12.48
N ASP C 201 52.25 -2.12 13.61
CA ASP C 201 52.52 -3.17 14.59
C ASP C 201 51.25 -3.68 15.23
N GLU C 202 50.35 -2.76 15.58
CA GLU C 202 49.09 -3.20 16.13
C GLU C 202 48.32 -4.01 15.09
N THR C 203 48.28 -3.53 13.86
CA THR C 203 47.57 -4.25 12.79
C THR C 203 48.12 -5.65 12.68
N LEU C 204 49.44 -5.77 12.74
CA LEU C 204 50.14 -7.07 12.62
C LEU C 204 49.77 -8.02 13.77
N ARG C 205 49.85 -7.50 14.99
CA ARG C 205 49.45 -8.28 16.15
C ARG C 205 48.03 -8.82 15.98
N LEU C 206 47.10 -7.94 15.59
CA LEU C 206 45.72 -8.35 15.39
C LEU C 206 45.59 -9.46 14.35
N VAL C 207 46.22 -9.27 13.19
CA VAL C 207 46.12 -10.25 12.11
C VAL C 207 46.64 -11.60 12.59
N GLN C 208 47.77 -11.58 13.27
CA GLN C 208 48.38 -12.78 13.84
C GLN C 208 47.44 -13.43 14.84
N ALA C 209 46.81 -12.62 15.68
CA ALA C 209 45.90 -13.16 16.68
C ALA C 209 44.72 -13.89 16.04
N PHE C 210 44.08 -13.27 15.04
CA PHE C 210 42.96 -13.89 14.36
C PHE C 210 43.37 -15.18 13.66
N GLN C 211 44.58 -15.21 13.12
CA GLN C 211 45.07 -16.40 12.44
C GLN C 211 45.32 -17.53 13.44
N TYR C 212 45.83 -17.18 14.60
CA TYR C 212 46.04 -18.14 15.67
C TYR C 212 44.71 -18.76 16.13
N THR C 213 43.78 -17.90 16.55
CA THR C 213 42.50 -18.37 17.05
C THR C 213 41.64 -19.01 15.97
N ASP C 214 41.95 -18.79 14.69
CA ASP C 214 41.31 -19.56 13.62
C ASP C 214 41.85 -20.99 13.67
N LYS C 215 43.17 -21.11 13.82
CA LYS C 215 43.85 -22.39 13.73
C LYS C 215 43.57 -23.29 14.93
N HIS C 216 43.74 -22.73 16.14
CA HIS C 216 43.73 -23.51 17.36
C HIS C 216 42.42 -23.37 18.13
N GLY C 217 41.50 -22.57 17.61
CA GLY C 217 40.23 -22.34 18.26
C GLY C 217 40.34 -21.99 19.73
N GLU C 218 41.49 -21.43 20.11
CA GLU C 218 41.67 -20.90 21.46
C GLU C 218 41.44 -19.40 21.40
N VAL C 219 41.52 -18.72 22.53
CA VAL C 219 41.29 -17.28 22.56
C VAL C 219 42.49 -16.50 23.10
N CYS C 220 42.69 -15.28 22.59
CA CYS C 220 43.84 -14.43 22.94
C CYS C 220 43.50 -13.38 23.97
N PRO C 221 44.23 -13.39 25.09
CA PRO C 221 44.03 -12.45 26.18
C PRO C 221 44.54 -11.06 25.80
N ALA C 222 44.31 -10.08 26.67
CA ALA C 222 44.76 -8.72 26.44
C ALA C 222 46.26 -8.71 26.12
N GLY C 223 46.62 -7.98 25.07
CA GLY C 223 48.01 -7.77 24.70
C GLY C 223 48.70 -8.93 24.03
N TRP C 224 47.96 -10.03 23.80
CA TRP C 224 48.54 -11.21 23.18
C TRP C 224 49.44 -10.85 22.01
N LYS C 225 50.70 -11.25 22.10
CA LYS C 225 51.60 -11.27 20.96
C LYS C 225 51.99 -12.74 20.76
N PRO C 226 52.42 -13.13 19.54
CA PRO C 226 52.75 -14.53 19.30
C PRO C 226 53.71 -15.09 20.34
N GLY C 227 53.44 -16.30 20.83
CA GLY C 227 54.24 -16.90 21.88
C GLY C 227 53.66 -16.71 23.27
N SER C 228 52.72 -15.78 23.39
CA SER C 228 52.03 -15.53 24.66
C SER C 228 51.05 -16.64 24.99
N GLU C 229 50.67 -16.73 26.27
CA GLU C 229 49.69 -17.71 26.72
C GLU C 229 48.30 -17.48 26.11
N THR C 230 47.64 -18.56 25.74
CA THR C 230 46.27 -18.50 25.25
C THR C 230 45.28 -19.20 26.20
N ILE C 231 43.97 -19.08 25.95
CA ILE C 231 42.95 -19.68 26.81
C ILE C 231 42.02 -20.64 26.07
N ILE C 232 41.67 -21.74 26.74
CA ILE C 232 40.71 -22.69 26.20
C ILE C 232 39.29 -22.29 26.62
N PRO C 233 38.43 -21.98 25.63
CA PRO C 233 37.08 -21.41 25.82
C PRO C 233 36.03 -22.37 26.40
N ASP C 234 36.11 -22.61 27.71
CA ASP C 234 35.05 -23.31 28.45
C ASP C 234 35.33 -23.20 29.95
N PRO C 235 34.28 -23.14 30.78
CA PRO C 235 34.43 -22.92 32.23
C PRO C 235 35.32 -23.96 32.93
N ALA C 236 35.44 -25.15 32.34
CA ALA C 236 36.33 -26.18 32.89
C ALA C 236 37.78 -25.96 32.45
N GLY C 237 38.07 -26.21 31.17
CA GLY C 237 39.42 -26.12 30.64
C GLY C 237 40.11 -24.77 30.75
N LYS C 238 39.33 -23.72 30.99
CA LYS C 238 39.87 -22.36 31.12
C LYS C 238 40.89 -22.24 32.25
N LEU C 239 40.73 -23.08 33.27
CA LEU C 239 41.51 -22.97 34.51
C LEU C 239 42.98 -23.40 34.35
N LYS C 240 43.31 -23.97 33.20
CA LYS C 240 44.70 -24.32 32.89
C LYS C 240 45.54 -23.09 32.52
N TYR C 241 44.87 -21.93 32.44
CA TYR C 241 45.52 -20.64 32.18
C TYR C 241 45.50 -19.73 33.41
N PHE C 242 44.45 -19.86 34.22
CA PHE C 242 44.27 -18.99 35.39
C PHE C 242 44.96 -19.54 36.64
N ASP C 243 45.20 -20.85 36.67
CA ASP C 243 45.98 -21.50 37.72
C ASP C 243 47.46 -21.53 37.32
N LYS C 244 47.75 -20.95 36.15
CA LYS C 244 49.08 -20.95 35.53
C LYS C 244 49.68 -19.54 35.52
N LEU C 245 48.83 -18.52 35.36
CA LEU C 245 49.26 -17.13 35.36
C LEU C 245 49.35 -16.54 36.77
N ASN C 246 49.07 -17.38 37.78
CA ASN C 246 49.14 -16.96 39.19
C ASN C 246 49.94 -17.94 40.07
N HIS D 50 6.26 17.26 -14.32
CA HIS D 50 6.89 16.59 -15.46
C HIS D 50 8.36 16.98 -15.62
N LEU D 51 9.25 16.08 -15.20
CA LEU D 51 10.69 16.38 -15.23
C LEU D 51 11.38 15.97 -16.53
N SER D 52 12.53 16.58 -16.80
CA SER D 52 13.21 16.45 -18.09
C SER D 52 13.84 15.09 -18.26
N LYS D 53 13.68 14.52 -19.46
CA LYS D 53 14.23 13.21 -19.76
C LYS D 53 15.56 13.31 -20.50
N ALA D 54 16.02 14.53 -20.76
CA ALA D 54 17.21 14.74 -21.59
C ALA D 54 18.48 14.64 -20.76
N LYS D 55 19.17 13.52 -20.92
CA LYS D 55 20.40 13.28 -20.18
CA LYS D 55 20.41 13.28 -20.18
C LYS D 55 21.54 13.04 -21.17
N ILE D 56 22.66 13.70 -20.93
CA ILE D 56 23.79 13.58 -21.83
C ILE D 56 24.40 12.18 -21.79
N SER D 57 24.61 11.62 -22.97
CA SER D 57 25.19 10.28 -23.14
C SER D 57 24.19 9.15 -22.88
N LYS D 58 22.92 9.50 -22.68
CA LYS D 58 21.83 8.54 -22.77
C LYS D 58 21.09 8.81 -24.07
N PRO D 59 20.24 7.87 -24.53
CA PRO D 59 19.43 8.12 -25.72
C PRO D 59 18.59 9.37 -25.56
N ALA D 60 18.43 10.12 -26.65
CA ALA D 60 17.67 11.36 -26.62
C ALA D 60 16.19 11.02 -26.47
N PRO D 61 15.50 11.72 -25.58
CA PRO D 61 14.07 11.43 -25.44
C PRO D 61 13.41 11.25 -26.81
N TYR D 62 12.72 10.13 -27.02
CA TYR D 62 11.97 9.91 -28.25
C TYR D 62 10.95 11.02 -28.45
N TRP D 63 10.66 11.35 -29.70
CA TRP D 63 9.59 12.31 -30.00
C TRP D 63 8.96 12.03 -31.34
N GLU D 64 7.74 12.54 -31.52
CA GLU D 64 7.09 12.49 -32.81
C GLU D 64 5.97 13.51 -32.86
N GLY D 65 5.68 14.00 -34.06
CA GLY D 65 4.65 15.00 -34.22
C GLY D 65 4.51 15.39 -35.68
N THR D 66 3.72 16.43 -35.90
CA THR D 66 3.51 16.96 -37.24
C THR D 66 4.50 18.08 -37.52
N ALA D 67 5.25 17.94 -38.60
CA ALA D 67 6.20 18.97 -38.98
C ALA D 67 5.86 19.51 -40.37
N VAL D 68 6.11 20.80 -40.58
CA VAL D 68 5.97 21.34 -41.92
C VAL D 68 7.23 21.00 -42.68
N ILE D 69 7.08 20.26 -43.76
CA ILE D 69 8.21 19.90 -44.60
C ILE D 69 7.90 20.21 -46.06
N ASP D 70 8.77 21.00 -46.68
CA ASP D 70 8.59 21.34 -48.06
C ASP D 70 7.14 21.79 -48.30
N GLY D 71 6.64 22.67 -47.44
CA GLY D 71 5.29 23.22 -47.57
C GLY D 71 4.12 22.32 -47.15
N GLU D 72 4.37 21.05 -46.89
CA GLU D 72 3.30 20.10 -46.55
C GLU D 72 3.41 19.60 -45.12
N PHE D 73 2.30 19.16 -44.55
CA PHE D 73 2.34 18.56 -43.23
C PHE D 73 2.82 17.13 -43.32
N LYS D 74 3.89 16.78 -42.61
CA LYS D 74 4.30 15.38 -42.54
C LYS D 74 4.53 14.95 -41.10
N GLU D 75 4.26 13.69 -40.81
CA GLU D 75 4.56 13.15 -39.50
CA GLU D 75 4.56 13.09 -39.52
C GLU D 75 6.05 12.85 -39.46
N LEU D 76 6.70 13.25 -38.36
CA LEU D 76 8.14 13.18 -38.25
C LEU D 76 8.56 12.60 -36.90
N LYS D 77 9.55 11.73 -36.91
CA LYS D 77 9.96 10.98 -35.73
C LYS D 77 11.45 11.07 -35.50
N LEU D 78 11.86 11.18 -34.24
CA LEU D 78 13.27 11.25 -33.91
C LEU D 78 14.03 10.11 -34.56
N THR D 79 13.41 8.93 -34.59
CA THR D 79 14.06 7.77 -35.14
C THR D 79 14.29 7.87 -36.65
N ASP D 80 13.58 8.76 -37.33
CA ASP D 80 13.81 8.96 -38.75
C ASP D 80 15.27 9.38 -39.01
N TYR D 81 15.96 9.82 -37.95
CA TYR D 81 17.29 10.38 -38.11
C TYR D 81 18.41 9.47 -37.66
N ARG D 82 18.08 8.25 -37.28
CA ARG D 82 19.11 7.31 -36.88
C ARG D 82 20.09 7.10 -38.05
N GLY D 83 21.38 7.04 -37.74
CA GLY D 83 22.38 6.91 -38.78
C GLY D 83 22.98 8.26 -39.13
N LYS D 84 22.23 9.33 -38.83
CA LYS D 84 22.74 10.68 -39.00
C LYS D 84 22.90 11.36 -37.65
N TYR D 85 23.81 12.33 -37.56
CA TYR D 85 23.83 13.24 -36.42
C TYR D 85 22.63 14.15 -36.61
N LEU D 86 22.06 14.63 -35.51
CA LEU D 86 20.92 15.53 -35.59
C LEU D 86 21.12 16.73 -34.68
N VAL D 87 21.06 17.92 -35.27
CA VAL D 87 20.93 19.15 -34.51
C VAL D 87 19.45 19.44 -34.36
N PHE D 88 18.91 19.18 -33.16
CA PHE D 88 17.49 19.35 -32.87
C PHE D 88 17.39 20.54 -31.93
N PHE D 89 16.69 21.59 -32.34
CA PHE D 89 16.64 22.78 -31.51
C PHE D 89 15.24 23.39 -31.39
N PHE D 90 14.94 23.90 -30.20
CA PHE D 90 13.65 24.53 -29.90
C PHE D 90 13.82 26.03 -30.01
N TYR D 91 12.75 26.72 -30.38
CA TYR D 91 12.76 28.17 -30.32
C TYR D 91 11.39 28.59 -29.82
N PRO D 92 11.33 29.73 -29.10
CA PRO D 92 10.13 30.28 -28.46
C PRO D 92 8.88 30.29 -29.32
N LEU D 93 8.75 31.28 -30.20
CA LEU D 93 7.50 31.54 -30.89
C LEU D 93 7.67 31.99 -32.34
N ASP D 94 6.87 31.39 -33.23
CA ASP D 94 6.69 31.89 -34.58
C ASP D 94 6.28 33.35 -34.50
N PHE D 95 6.63 34.09 -35.54
CA PHE D 95 6.30 35.52 -35.64
C PHE D 95 6.94 36.39 -34.56
N THR D 96 8.04 35.91 -33.96
CA THR D 96 8.85 36.78 -33.12
C THR D 96 10.18 37.20 -33.81
N PHE D 97 11.23 37.37 -33.03
CA PHE D 97 12.32 38.25 -33.42
C PHE D 97 13.66 37.55 -33.64
N VAL D 98 14.31 37.15 -32.56
CA VAL D 98 15.52 36.33 -32.72
C VAL D 98 15.19 35.06 -33.53
N PRO D 100 13.23 33.80 -36.25
CA PRO D 100 13.45 33.57 -37.69
C PRO D 100 14.93 33.65 -38.10
N THR D 101 15.73 34.48 -37.44
CA THR D 101 17.13 34.59 -37.83
C THR D 101 17.88 33.31 -37.55
N GLU D 102 17.48 32.60 -36.51
CA GLU D 102 18.15 31.36 -36.16
C GLU D 102 17.77 30.27 -37.15
N ILE D 103 16.51 30.28 -37.57
CA ILE D 103 16.03 29.23 -38.47
C ILE D 103 16.63 29.50 -39.84
N ILE D 104 16.66 30.77 -40.21
CA ILE D 104 17.22 31.16 -41.49
C ILE D 104 18.74 30.92 -41.52
N ALA D 105 19.43 31.30 -40.44
CA ALA D 105 20.86 31.07 -40.39
C ALA D 105 21.20 29.59 -40.60
N PHE D 106 20.45 28.70 -39.98
CA PHE D 106 20.67 27.26 -40.11
C PHE D 106 20.20 26.74 -41.47
N GLY D 107 19.02 27.16 -41.90
CA GLY D 107 18.52 26.74 -43.20
C GLY D 107 19.41 27.17 -44.37
N ASP D 108 19.78 28.44 -44.40
CA ASP D 108 20.62 28.95 -45.46
C ASP D 108 22.01 28.29 -45.51
N ARG D 109 22.46 27.71 -44.40
CA ARG D 109 23.77 27.04 -44.36
C ARG D 109 23.65 25.53 -44.14
N LEU D 110 22.50 24.99 -44.51
CA LEU D 110 22.21 23.59 -44.30
C LEU D 110 23.27 22.63 -44.88
N GLU D 111 23.88 23.01 -45.99
CA GLU D 111 24.80 22.10 -46.68
C GLU D 111 26.05 21.84 -45.84
N GLU D 112 26.41 22.81 -45.01
CA GLU D 112 27.52 22.65 -44.09
C GLU D 112 27.23 21.52 -43.09
N PHE D 113 25.94 21.26 -42.84
CA PHE D 113 25.50 20.14 -42.01
C PHE D 113 25.26 18.85 -42.82
N ARG D 114 24.59 18.96 -43.96
CA ARG D 114 24.29 17.77 -44.76
C ARG D 114 25.54 17.13 -45.33
N SER D 115 26.56 17.94 -45.63
CA SER D 115 27.83 17.42 -46.15
C SER D 115 28.67 16.74 -45.07
N ILE D 116 28.18 16.77 -43.83
CA ILE D 116 28.82 15.99 -42.77
C ILE D 116 27.81 15.10 -42.06
N ASN D 117 26.93 14.49 -42.84
CA ASN D 117 25.99 13.47 -42.38
C ASN D 117 25.16 13.93 -41.18
N THR D 118 24.72 15.18 -41.23
CA THR D 118 24.01 15.81 -40.14
C THR D 118 22.73 16.44 -40.67
N GLU D 119 21.64 16.32 -39.93
CA GLU D 119 20.43 17.03 -40.26
C GLU D 119 20.15 18.05 -39.16
N VAL D 120 19.24 18.96 -39.44
CA VAL D 120 18.82 19.96 -38.49
C VAL D 120 17.28 19.97 -38.51
N VAL D 121 16.66 20.03 -37.33
CA VAL D 121 15.21 20.11 -37.21
C VAL D 121 14.87 21.17 -36.17
N ALA D 122 13.85 21.97 -36.45
CA ALA D 122 13.45 23.00 -35.51
C ALA D 122 12.07 22.70 -34.92
N CYS D 123 11.79 23.25 -33.74
CA CYS D 123 10.52 22.95 -33.07
C CYS D 123 10.11 24.05 -32.11
N SER D 124 8.84 24.45 -32.18
CA SER D 124 8.23 25.30 -31.15
C SER D 124 6.85 24.74 -30.80
N VAL D 125 6.22 25.38 -29.82
CA VAL D 125 4.87 25.01 -29.38
C VAL D 125 3.76 25.50 -30.33
N ASP D 126 4.15 26.21 -31.38
CA ASP D 126 3.19 26.70 -32.37
C ASP D 126 2.57 25.54 -33.17
N SER D 127 1.37 25.75 -33.69
CA SER D 127 0.73 24.72 -34.54
C SER D 127 1.40 24.64 -35.91
N GLN D 128 1.15 23.57 -36.63
CA GLN D 128 1.68 23.39 -37.97
C GLN D 128 1.06 24.42 -38.93
N PHE D 129 -0.14 24.89 -38.64
CA PHE D 129 -0.77 25.89 -39.48
C PHE D 129 -0.09 27.25 -39.31
N THR D 130 0.38 27.55 -38.10
CA THR D 130 1.10 28.80 -37.86
C THR D 130 2.50 28.71 -38.47
N HIS D 131 3.12 27.54 -38.32
CA HIS D 131 4.39 27.26 -38.98
C HIS D 131 4.28 27.61 -40.46
N LEU D 132 3.36 26.96 -41.17
CA LEU D 132 3.10 27.21 -42.59
C LEU D 132 2.85 28.69 -42.89
N ALA D 133 2.06 29.36 -42.07
CA ALA D 133 1.72 30.75 -42.29
C ALA D 133 2.96 31.63 -42.19
N TRP D 134 3.88 31.22 -41.33
CA TRP D 134 5.14 31.90 -41.15
C TRP D 134 6.09 31.64 -42.33
N ILE D 135 6.07 30.42 -42.82
CA ILE D 135 6.86 30.08 -43.96
C ILE D 135 6.38 30.87 -45.17
N ASN D 136 5.06 31.09 -45.27
CA ASN D 136 4.50 31.94 -46.33
C ASN D 136 4.52 33.43 -45.98
N THR D 137 5.36 33.83 -45.04
CA THR D 137 5.56 35.26 -44.80
C THR D 137 6.94 35.62 -45.32
N PRO D 138 7.04 36.74 -46.06
CA PRO D 138 8.35 37.17 -46.59
C PRO D 138 9.37 37.46 -45.46
N ARG D 139 10.63 37.13 -45.69
CA ARG D 139 11.67 37.41 -44.72
C ARG D 139 11.68 38.88 -44.28
N ARG D 140 11.24 39.77 -45.17
CA ARG D 140 11.28 41.19 -44.91
C ARG D 140 10.19 41.61 -43.91
N GLN D 141 9.19 40.76 -43.75
CA GLN D 141 8.13 40.98 -42.78
CA GLN D 141 8.14 41.00 -42.76
C GLN D 141 8.35 40.11 -41.53
N GLY D 142 9.53 39.50 -41.42
CA GLY D 142 9.85 38.64 -40.29
C GLY D 142 9.44 37.19 -40.46
N GLY D 143 9.04 36.82 -41.68
CA GLY D 143 8.71 35.45 -42.02
C GLY D 143 9.96 34.63 -42.34
N LEU D 144 9.76 33.35 -42.61
CA LEU D 144 10.90 32.51 -42.93
C LEU D 144 11.19 32.52 -44.40
N GLY D 145 10.14 32.75 -45.20
CA GLY D 145 10.20 32.44 -46.61
C GLY D 145 10.37 30.94 -46.72
N PRO D 146 10.34 30.40 -47.94
CA PRO D 146 10.54 28.95 -48.09
C PRO D 146 11.75 28.50 -47.26
N ILE D 147 11.71 27.27 -46.78
CA ILE D 147 12.75 26.83 -45.86
C ILE D 147 13.04 25.34 -46.06
N ARG D 148 14.28 24.93 -45.80
CA ARG D 148 14.66 23.54 -46.08
C ARG D 148 14.81 22.66 -44.84
N ILE D 149 14.70 23.25 -43.66
CA ILE D 149 14.67 22.43 -42.45
C ILE D 149 13.25 22.25 -41.90
N PRO D 150 12.93 21.04 -41.44
CA PRO D 150 11.58 20.79 -40.94
C PRO D 150 11.26 21.65 -39.74
N LEU D 151 10.03 22.17 -39.70
CA LEU D 151 9.52 22.85 -38.51
C LEU D 151 8.51 21.97 -37.78
N LEU D 152 8.95 21.42 -36.66
CA LEU D 152 8.15 20.52 -35.83
C LEU D 152 7.21 21.32 -34.95
N SER D 153 6.06 20.76 -34.67
CA SER D 153 5.01 21.40 -33.90
C SER D 153 4.84 20.65 -32.60
N ASP D 154 4.82 21.36 -31.48
CA ASP D 154 4.64 20.71 -30.19
C ASP D 154 3.49 21.34 -29.39
N LEU D 155 2.28 21.37 -29.96
CA LEU D 155 1.13 22.00 -29.30
C LEU D 155 0.84 21.51 -27.89
N THR D 156 1.00 20.21 -27.64
CA THR D 156 0.68 19.64 -26.34
C THR D 156 1.79 19.87 -25.34
N HIS D 157 2.94 20.34 -25.83
CA HIS D 157 4.11 20.57 -24.99
C HIS D 157 4.81 19.29 -24.49
N GLN D 158 4.34 18.11 -24.89
CA GLN D 158 4.95 16.89 -24.39
CA GLN D 158 4.95 16.88 -24.40
C GLN D 158 6.43 16.82 -24.74
N ILE D 159 6.77 17.21 -25.97
CA ILE D 159 8.14 17.18 -26.43
C ILE D 159 9.03 18.19 -25.69
N SER D 160 8.56 19.43 -25.57
CA SER D 160 9.32 20.47 -24.87
C SER D 160 9.57 20.05 -23.42
N LYS D 161 8.53 19.53 -22.78
CA LYS D 161 8.63 19.08 -21.41
C LYS D 161 9.63 17.91 -21.34
N ASP D 162 9.54 16.98 -22.29
CA ASP D 162 10.49 15.87 -22.32
C ASP D 162 11.95 16.32 -22.38
N TYR D 163 12.19 17.51 -22.94
CA TYR D 163 13.54 18.03 -23.13
C TYR D 163 13.95 19.10 -22.13
N GLY D 164 13.12 19.31 -21.12
CA GLY D 164 13.41 20.29 -20.09
C GLY D 164 13.57 21.73 -20.55
N VAL D 165 12.87 22.12 -21.63
CA VAL D 165 13.03 23.45 -22.21
C VAL D 165 11.75 24.28 -22.15
N TYR D 166 10.70 23.69 -21.59
CA TYR D 166 9.40 24.36 -21.49
C TYR D 166 9.35 25.38 -20.35
N LEU D 167 8.84 26.58 -20.64
CA LEU D 167 8.64 27.62 -19.64
C LEU D 167 7.18 27.64 -19.18
N GLU D 168 6.96 27.15 -17.96
CA GLU D 168 5.60 27.00 -17.43
C GLU D 168 4.90 28.34 -17.28
N ASP D 169 5.67 29.38 -17.01
CA ASP D 169 5.10 30.71 -16.80
C ASP D 169 4.77 31.43 -18.10
N SER D 170 5.32 30.96 -19.22
CA SER D 170 5.16 31.64 -20.52
C SER D 170 4.39 30.82 -21.56
N GLY D 171 4.38 29.51 -21.40
CA GLY D 171 3.65 28.68 -22.34
C GLY D 171 4.33 28.49 -23.68
N HIS D 172 5.67 28.55 -23.67
CA HIS D 172 6.49 28.27 -24.87
C HIS D 172 7.89 27.92 -24.36
N THR D 173 8.77 27.48 -25.24
CA THR D 173 10.09 27.04 -24.77
C THR D 173 11.08 28.19 -24.64
N LEU D 174 12.27 27.89 -24.16
CA LEU D 174 13.39 28.82 -24.29
C LEU D 174 14.30 28.36 -25.41
N ARG D 175 15.50 28.94 -25.51
CA ARG D 175 16.39 28.59 -26.61
C ARG D 175 17.24 27.38 -26.29
N GLY D 176 16.73 26.21 -26.68
CA GLY D 176 17.40 24.95 -26.38
C GLY D 176 17.79 24.18 -27.61
N LEU D 177 19.07 23.86 -27.69
CA LEU D 177 19.64 23.13 -28.82
C LEU D 177 20.24 21.81 -28.34
N PHE D 178 19.98 20.74 -29.08
CA PHE D 178 20.49 19.44 -28.66
C PHE D 178 21.22 18.77 -29.81
N ILE D 179 22.38 18.21 -29.51
CA ILE D 179 23.18 17.50 -30.49
C ILE D 179 23.12 16.01 -30.24
N ILE D 180 22.48 15.31 -31.15
CA ILE D 180 22.22 13.89 -30.98
C ILE D 180 23.01 13.14 -32.03
N ASP D 181 23.89 12.23 -31.60
CA ASP D 181 24.70 11.51 -32.57
C ASP D 181 23.88 10.54 -33.44
N ASP D 182 24.59 9.84 -34.32
CA ASP D 182 23.97 8.92 -35.27
C ASP D 182 23.38 7.70 -34.57
N LYS D 183 23.86 7.40 -33.37
CA LYS D 183 23.30 6.32 -32.57
C LYS D 183 22.14 6.78 -31.69
N GLY D 184 21.72 8.03 -31.87
CA GLY D 184 20.61 8.60 -31.10
C GLY D 184 20.94 8.92 -29.65
N ILE D 185 22.22 9.09 -29.34
CA ILE D 185 22.65 9.43 -27.98
C ILE D 185 22.81 10.94 -27.85
N LEU D 186 22.27 11.53 -26.80
CA LEU D 186 22.43 12.97 -26.62
C LEU D 186 23.90 13.27 -26.30
N ARG D 187 24.49 14.21 -27.01
CA ARG D 187 25.89 14.54 -26.80
C ARG D 187 26.10 15.96 -26.25
N GLN D 188 25.14 16.85 -26.41
CA GLN D 188 25.41 18.26 -26.09
C GLN D 188 24.09 18.97 -25.91
N ILE D 189 24.05 19.88 -24.94
CA ILE D 189 22.86 20.67 -24.63
C ILE D 189 23.25 22.12 -24.49
N THR D 190 22.63 22.96 -25.29
CA THR D 190 22.86 24.38 -25.21
C THR D 190 21.53 25.05 -24.93
N LEU D 191 21.46 25.80 -23.82
CA LEU D 191 20.22 26.50 -23.46
C LEU D 191 20.52 27.98 -23.26
N ASN D 192 19.75 28.83 -23.95
CA ASN D 192 19.94 30.26 -23.89
C ASN D 192 18.66 30.91 -23.41
N ASP D 193 18.80 31.90 -22.54
CA ASP D 193 17.69 32.74 -22.18
C ASP D 193 17.21 33.44 -23.48
N LEU D 194 15.98 33.95 -23.46
CA LEU D 194 15.32 34.36 -24.70
C LEU D 194 16.02 35.42 -25.56
N PRO D 195 16.74 36.37 -24.93
CA PRO D 195 17.22 37.49 -25.73
C PRO D 195 18.45 37.21 -26.61
N VAL D 196 19.06 36.04 -26.50
CA VAL D 196 20.32 35.82 -27.20
C VAL D 196 20.25 34.63 -28.15
N GLY D 197 20.48 34.87 -29.44
CA GLY D 197 20.39 33.79 -30.40
C GLY D 197 21.62 32.90 -30.36
N ARG D 198 21.48 31.71 -30.92
CA ARG D 198 22.55 30.76 -30.92
C ARG D 198 23.51 31.03 -32.09
N SER D 199 24.54 30.20 -32.22
CA SER D 199 25.54 30.40 -33.27
C SER D 199 25.66 29.15 -34.13
N VAL D 200 25.53 29.33 -35.44
CA VAL D 200 25.69 28.22 -36.36
C VAL D 200 27.15 27.76 -36.42
N ASP D 201 28.08 28.69 -36.19
CA ASP D 201 29.49 28.33 -36.25
C ASP D 201 29.92 27.46 -35.09
N GLU D 202 29.45 27.82 -33.89
CA GLU D 202 29.74 27.04 -32.70
C GLU D 202 29.08 25.67 -32.79
N THR D 203 27.88 25.61 -33.34
CA THR D 203 27.18 24.33 -33.45
C THR D 203 27.91 23.41 -34.40
N LEU D 204 28.48 24.00 -35.46
CA LEU D 204 29.26 23.23 -36.44
C LEU D 204 30.54 22.67 -35.82
N ARG D 205 31.25 23.51 -35.09
CA ARG D 205 32.42 23.05 -34.35
C ARG D 205 32.09 21.86 -33.46
N LEU D 206 31.06 22.02 -32.63
CA LEU D 206 30.61 20.95 -31.75
C LEU D 206 30.30 19.68 -32.53
N VAL D 207 29.53 19.78 -33.60
CA VAL D 207 29.23 18.57 -34.38
C VAL D 207 30.50 17.91 -34.93
N GLN D 208 31.45 18.73 -35.41
CA GLN D 208 32.69 18.20 -35.95
C GLN D 208 33.53 17.58 -34.85
N ALA D 209 33.62 18.24 -33.70
CA ALA D 209 34.35 17.68 -32.57
C ALA D 209 33.85 16.27 -32.21
N PHE D 210 32.54 16.12 -32.03
CA PHE D 210 31.99 14.82 -31.68
C PHE D 210 32.24 13.78 -32.75
N GLN D 211 32.00 14.13 -34.01
CA GLN D 211 32.28 13.21 -35.09
C GLN D 211 33.72 12.74 -35.05
N TYR D 212 34.62 13.65 -34.70
CA TYR D 212 36.04 13.34 -34.66
C TYR D 212 36.45 12.43 -33.48
N THR D 213 35.98 12.72 -32.26
CA THR D 213 36.30 11.88 -31.13
C THR D 213 35.60 10.53 -31.26
N ASP D 214 34.42 10.53 -31.84
CA ASP D 214 33.73 9.29 -32.16
C ASP D 214 34.66 8.43 -33.01
N LYS D 215 35.36 9.06 -33.95
CA LYS D 215 36.11 8.30 -34.95
C LYS D 215 37.52 7.93 -34.50
N HIS D 216 38.16 8.81 -33.73
CA HIS D 216 39.58 8.65 -33.45
C HIS D 216 39.88 8.25 -32.02
N GLY D 217 38.92 8.45 -31.12
CA GLY D 217 39.13 8.12 -29.72
C GLY D 217 40.28 8.90 -29.11
N GLU D 218 40.55 10.08 -29.67
CA GLU D 218 41.38 11.09 -29.01
C GLU D 218 40.37 12.12 -28.49
N VAL D 219 40.77 12.96 -27.53
CA VAL D 219 39.83 13.99 -27.01
C VAL D 219 40.16 15.43 -27.46
N CYS D 220 39.13 16.27 -27.48
CA CYS D 220 39.23 17.62 -28.05
C CYS D 220 39.43 18.71 -26.99
N PRO D 221 40.57 19.40 -27.04
CA PRO D 221 40.92 20.52 -26.15
C PRO D 221 40.03 21.72 -26.40
N ALA D 222 39.96 22.63 -25.42
CA ALA D 222 39.22 23.89 -25.56
C ALA D 222 39.49 24.54 -26.92
N GLY D 223 38.41 24.92 -27.60
CA GLY D 223 38.51 25.65 -28.86
C GLY D 223 38.93 24.83 -30.05
N TRP D 224 38.86 23.50 -29.93
CA TRP D 224 39.23 22.60 -31.02
C TRP D 224 38.37 22.84 -32.26
N LYS D 225 39.05 23.12 -33.37
CA LYS D 225 38.45 23.20 -34.71
C LYS D 225 39.17 22.17 -35.56
N PRO D 226 38.53 21.67 -36.64
CA PRO D 226 39.17 20.61 -37.45
C PRO D 226 40.61 20.96 -37.87
N GLY D 227 41.55 20.07 -37.57
CA GLY D 227 42.96 20.27 -37.89
C GLY D 227 43.83 20.65 -36.69
N SER D 228 43.19 20.96 -35.57
CA SER D 228 43.89 21.30 -34.33
C SER D 228 44.44 20.05 -33.64
N GLU D 229 45.37 20.26 -32.71
CA GLU D 229 45.96 19.16 -31.95
C GLU D 229 44.98 18.53 -30.96
N THR D 230 44.95 17.20 -30.97
CA THR D 230 44.17 16.43 -30.01
C THR D 230 45.08 15.71 -28.99
N ILE D 231 44.46 15.07 -27.99
CA ILE D 231 45.16 14.40 -26.90
C ILE D 231 44.76 12.93 -26.77
N ILE D 232 45.74 12.06 -26.52
CA ILE D 232 45.44 10.65 -26.26
C ILE D 232 45.06 10.51 -24.78
N PRO D 233 43.90 9.89 -24.51
CA PRO D 233 43.28 9.88 -23.17
C PRO D 233 43.83 8.81 -22.23
N ASP D 234 45.11 8.95 -21.87
CA ASP D 234 45.72 8.13 -20.82
C ASP D 234 46.90 8.91 -20.21
N PRO D 235 47.22 8.66 -18.93
CA PRO D 235 48.20 9.44 -18.17
C PRO D 235 49.64 9.44 -18.75
N ALA D 236 49.89 8.64 -19.78
CA ALA D 236 51.21 8.58 -20.42
C ALA D 236 51.23 9.17 -21.83
N GLY D 237 50.30 8.72 -22.67
CA GLY D 237 50.16 9.25 -24.02
C GLY D 237 49.63 10.68 -24.05
N LYS D 238 49.29 11.22 -22.87
CA LYS D 238 48.88 12.61 -22.75
C LYS D 238 50.08 13.55 -22.89
N LEU D 239 51.28 13.00 -22.77
CA LEU D 239 52.52 13.79 -22.82
C LEU D 239 52.94 14.15 -24.26
N LYS D 240 52.47 13.38 -25.23
CA LYS D 240 52.64 13.70 -26.65
C LYS D 240 52.14 15.12 -26.97
N TYR D 241 50.97 15.46 -26.41
CA TYR D 241 50.34 16.76 -26.63
C TYR D 241 50.91 17.86 -25.73
N PHE D 242 51.22 17.53 -24.47
CA PHE D 242 51.59 18.54 -23.48
C PHE D 242 53.05 19.01 -23.52
N ASP D 243 53.95 18.18 -24.04
CA ASP D 243 55.36 18.55 -24.12
C ASP D 243 55.76 19.20 -25.44
N LYS D 244 56.14 20.47 -25.37
CA LYS D 244 56.60 21.26 -26.52
C LYS D 244 55.55 21.38 -27.63
N LEU D 245 54.63 20.40 -27.68
CA LEU D 245 53.50 20.42 -28.60
C LEU D 245 52.48 21.48 -28.16
N ASN D 246 52.53 21.84 -26.88
CA ASN D 246 51.79 22.96 -26.29
C ASN D 246 51.62 22.80 -24.78
N HIS E 50 -18.31 12.40 -7.12
CA HIS E 50 -18.71 11.83 -8.42
C HIS E 50 -18.57 12.86 -9.54
N LEU E 51 -17.78 12.52 -10.57
CA LEU E 51 -17.46 13.45 -11.65
C LEU E 51 -18.15 13.15 -12.98
N SER E 52 -18.23 14.17 -13.83
CA SER E 52 -18.87 14.06 -15.15
C SER E 52 -18.05 13.20 -16.11
N LYS E 53 -18.75 12.36 -16.86
CA LYS E 53 -18.11 11.45 -17.80
C LYS E 53 -18.47 11.83 -19.24
N ALA E 54 -19.19 12.93 -19.38
CA ALA E 54 -19.59 13.38 -20.69
C ALA E 54 -18.41 14.09 -21.34
N LYS E 55 -17.85 13.47 -22.38
CA LYS E 55 -16.71 14.04 -23.09
C LYS E 55 -16.96 14.06 -24.58
N ILE E 56 -16.81 15.23 -25.17
CA ILE E 56 -17.07 15.37 -26.59
C ILE E 56 -16.05 14.55 -27.39
N SER E 57 -16.53 13.88 -28.43
CA SER E 57 -15.73 12.97 -29.26
C SER E 57 -15.37 11.67 -28.55
N LYS E 58 -15.87 11.50 -27.34
CA LYS E 58 -15.81 10.21 -26.66
C LYS E 58 -17.22 9.59 -26.64
N PRO E 59 -17.31 8.26 -26.48
CA PRO E 59 -18.64 7.64 -26.37
C PRO E 59 -19.45 8.31 -25.28
N ALA E 60 -20.71 8.65 -25.58
CA ALA E 60 -21.61 9.16 -24.56
C ALA E 60 -21.71 8.16 -23.42
N PRO E 61 -21.70 8.64 -22.17
CA PRO E 61 -21.75 7.73 -21.02
C PRO E 61 -22.98 6.83 -21.10
N TYR E 62 -22.80 5.53 -20.93
CA TYR E 62 -23.90 4.59 -21.02
C TYR E 62 -24.97 4.84 -19.96
N TRP E 63 -26.23 4.59 -20.31
CA TRP E 63 -27.31 4.72 -19.35
C TRP E 63 -28.42 3.72 -19.62
N GLU E 64 -29.23 3.48 -18.59
CA GLU E 64 -30.40 2.65 -18.70
C GLU E 64 -31.33 2.98 -17.54
N GLY E 65 -32.59 2.61 -17.68
CA GLY E 65 -33.53 2.81 -16.61
C GLY E 65 -34.93 2.65 -17.15
N THR E 66 -35.91 3.01 -16.35
CA THR E 66 -37.30 2.88 -16.76
C THR E 66 -37.76 4.18 -17.40
N ALA E 67 -38.50 4.05 -18.49
CA ALA E 67 -39.02 5.20 -19.18
C ALA E 67 -40.52 5.00 -19.44
N VAL E 68 -41.23 6.09 -19.67
CA VAL E 68 -42.63 6.04 -20.08
C VAL E 68 -42.77 6.24 -21.60
N ILE E 69 -42.92 5.12 -22.31
CA ILE E 69 -43.05 5.11 -23.75
C ILE E 69 -44.48 4.77 -24.17
N ASP E 70 -45.23 5.80 -24.54
CA ASP E 70 -46.63 5.63 -24.90
C ASP E 70 -47.41 4.97 -23.76
N GLY E 71 -47.33 5.59 -22.59
CA GLY E 71 -48.13 5.19 -21.45
C GLY E 71 -47.64 3.96 -20.72
N GLU E 72 -46.57 3.34 -21.21
CA GLU E 72 -46.06 2.13 -20.58
C GLU E 72 -44.64 2.24 -20.02
N PHE E 73 -44.36 1.42 -19.01
CA PHE E 73 -43.06 1.36 -18.39
C PHE E 73 -42.15 0.36 -19.11
N LYS E 74 -41.14 0.87 -19.81
CA LYS E 74 -40.18 0.00 -20.50
C LYS E 74 -38.77 0.33 -20.07
N GLU E 75 -37.95 -0.69 -19.88
CA GLU E 75 -36.54 -0.45 -19.67
CA GLU E 75 -36.52 -0.50 -19.70
C GLU E 75 -35.98 0.14 -20.97
N LEU E 76 -35.11 1.13 -20.83
CA LEU E 76 -34.55 1.82 -21.98
C LEU E 76 -33.03 1.91 -21.83
N LYS E 77 -32.31 1.68 -22.93
CA LYS E 77 -30.85 1.70 -22.93
C LYS E 77 -30.29 2.69 -23.96
N LEU E 78 -29.18 3.32 -23.63
CA LEU E 78 -28.49 4.18 -24.59
C LEU E 78 -28.20 3.39 -25.85
N THR E 79 -27.67 2.18 -25.66
CA THR E 79 -27.34 1.29 -26.75
C THR E 79 -28.56 0.95 -27.63
N ASP E 80 -29.76 1.23 -27.16
CA ASP E 80 -30.93 1.05 -27.99
C ASP E 80 -30.94 2.00 -29.20
N TYR E 81 -30.13 3.05 -29.16
CA TYR E 81 -30.19 4.06 -30.22
C TYR E 81 -28.98 4.01 -31.15
N ARG E 82 -28.15 3.00 -30.98
CA ARG E 82 -27.05 2.77 -31.91
C ARG E 82 -27.62 2.61 -33.31
N GLY E 83 -27.05 3.34 -34.27
CA GLY E 83 -27.52 3.31 -35.64
C GLY E 83 -28.20 4.62 -35.96
N LYS E 84 -28.76 5.24 -34.94
CA LYS E 84 -29.48 6.50 -35.11
C LYS E 84 -28.78 7.62 -34.34
N TYR E 85 -28.96 8.85 -34.79
CA TYR E 85 -28.55 10.00 -33.99
C TYR E 85 -29.54 10.12 -32.83
N LEU E 86 -29.07 10.56 -31.67
CA LEU E 86 -29.96 10.76 -30.52
C LEU E 86 -29.79 12.14 -29.88
N VAL E 87 -30.86 12.93 -29.85
CA VAL E 87 -30.91 14.11 -28.99
C VAL E 87 -31.39 13.67 -27.61
N PHE E 88 -30.52 13.80 -26.61
CA PHE E 88 -30.77 13.34 -25.26
C PHE E 88 -30.76 14.53 -24.32
N PHE E 89 -31.91 14.94 -23.81
CA PHE E 89 -31.91 16.08 -22.91
C PHE E 89 -32.56 15.89 -21.52
N PHE E 90 -31.94 16.53 -20.54
CA PHE E 90 -32.45 16.58 -19.19
C PHE E 90 -33.31 17.83 -18.99
N TYR E 91 -34.32 17.72 -18.12
CA TYR E 91 -35.05 18.91 -17.67
C TYR E 91 -35.26 18.83 -16.17
N PRO E 92 -35.37 19.99 -15.51
CA PRO E 92 -35.39 20.02 -14.04
C PRO E 92 -36.46 19.14 -13.39
N LEU E 93 -37.74 19.47 -13.56
CA LEU E 93 -38.80 18.79 -12.82
C LEU E 93 -40.13 18.65 -13.53
N ASP E 94 -40.77 17.48 -13.38
CA ASP E 94 -42.16 17.34 -13.81
C ASP E 94 -43.06 18.28 -12.98
N PHE E 95 -44.14 18.74 -13.60
CA PHE E 95 -45.15 19.59 -12.98
C PHE E 95 -44.66 20.99 -12.64
N THR E 96 -43.68 21.47 -13.39
CA THR E 96 -43.24 22.86 -13.27
C THR E 96 -43.61 23.70 -14.50
N PHE E 97 -42.62 24.29 -15.18
CA PHE E 97 -42.89 25.44 -16.05
C PHE E 97 -42.32 25.44 -17.47
N VAL E 98 -41.07 25.86 -17.63
CA VAL E 98 -40.41 25.77 -18.94
C VAL E 98 -40.37 24.31 -19.41
N CYS E 99 -40.28 23.41 -18.42
CA CYS E 99 -40.03 21.98 -18.67
C CYS E 99 -41.10 21.30 -19.55
N PRO E 100 -42.40 21.58 -19.31
CA PRO E 100 -43.42 21.06 -20.23
C PRO E 100 -43.36 21.65 -21.65
N THR E 101 -43.12 22.95 -21.78
CA THR E 101 -43.14 23.58 -23.10
C THR E 101 -42.06 23.01 -24.03
N GLU E 102 -40.90 22.69 -23.44
CA GLU E 102 -39.78 22.11 -24.17
C GLU E 102 -40.10 20.72 -24.70
N ILE E 103 -40.67 19.90 -23.83
CA ILE E 103 -40.98 18.51 -24.20
C ILE E 103 -42.02 18.47 -25.30
N ILE E 104 -43.00 19.35 -25.18
CA ILE E 104 -44.03 19.54 -26.20
C ILE E 104 -43.40 20.11 -27.47
N ALA E 105 -42.67 21.20 -27.32
CA ALA E 105 -41.96 21.82 -28.42
C ALA E 105 -41.18 20.80 -29.24
N PHE E 106 -40.54 19.86 -28.57
CA PHE E 106 -39.79 18.82 -29.27
C PHE E 106 -40.73 17.76 -29.80
N GLY E 107 -41.59 17.24 -28.91
CA GLY E 107 -42.49 16.17 -29.26
C GLY E 107 -43.39 16.49 -30.45
N ASP E 108 -43.86 17.72 -30.55
CA ASP E 108 -44.67 18.13 -31.69
C ASP E 108 -43.88 18.04 -32.99
N ARG E 109 -42.62 18.49 -32.95
CA ARG E 109 -41.81 18.52 -34.15
C ARG E 109 -40.96 17.27 -34.31
N LEU E 110 -41.31 16.21 -33.58
CA LEU E 110 -40.55 14.96 -33.61
C LEU E 110 -40.31 14.42 -35.03
N GLU E 111 -41.18 14.80 -35.95
CA GLU E 111 -41.09 14.27 -37.31
C GLU E 111 -39.82 14.72 -38.02
N GLU E 112 -39.48 15.99 -37.84
CA GLU E 112 -38.30 16.58 -38.47
C GLU E 112 -37.00 15.87 -38.03
N PHE E 113 -37.05 15.21 -36.86
CA PHE E 113 -35.93 14.43 -36.36
C PHE E 113 -35.95 13.01 -36.91
N ARG E 114 -37.15 12.46 -37.12
CA ARG E 114 -37.25 11.10 -37.62
C ARG E 114 -36.96 11.04 -39.12
N SER E 115 -37.24 12.14 -39.79
CA SER E 115 -36.95 12.28 -41.22
C SER E 115 -35.49 12.67 -41.43
N ILE E 116 -34.73 12.77 -40.34
CA ILE E 116 -33.27 12.84 -40.45
C ILE E 116 -32.59 11.83 -39.54
N ASN E 117 -33.19 10.64 -39.44
CA ASN E 117 -32.62 9.53 -38.67
C ASN E 117 -32.25 9.86 -37.22
N THR E 118 -33.01 10.74 -36.58
CA THR E 118 -32.74 11.16 -35.22
C THR E 118 -33.89 10.82 -34.27
N GLU E 119 -33.56 10.35 -33.07
CA GLU E 119 -34.55 10.14 -32.04
C GLU E 119 -34.31 11.12 -30.90
N VAL E 120 -35.31 11.27 -30.04
CA VAL E 120 -35.21 12.13 -28.89
C VAL E 120 -35.68 11.40 -27.63
N VAL E 121 -35.03 11.72 -26.52
CA VAL E 121 -35.39 11.17 -25.22
C VAL E 121 -35.20 12.28 -24.20
N ALA E 122 -36.22 12.55 -23.40
CA ALA E 122 -36.10 13.47 -22.28
C ALA E 122 -35.93 12.71 -20.96
N CYS E 123 -35.33 13.34 -19.97
CA CYS E 123 -35.01 12.69 -18.71
C CYS E 123 -35.04 13.68 -17.58
N SER E 124 -35.63 13.25 -16.45
CA SER E 124 -35.56 14.00 -15.21
C SER E 124 -35.38 13.07 -14.00
N VAL E 125 -35.14 13.68 -12.84
CA VAL E 125 -34.93 12.94 -11.60
C VAL E 125 -36.24 12.32 -11.07
N ASP E 126 -37.35 12.70 -11.70
CA ASP E 126 -38.69 12.24 -11.34
C ASP E 126 -38.90 10.75 -11.61
N SER E 127 -39.67 10.08 -10.75
CA SER E 127 -40.01 8.67 -10.94
C SER E 127 -40.85 8.45 -12.21
N GLN E 128 -40.81 7.23 -12.74
CA GLN E 128 -41.72 6.87 -13.83
C GLN E 128 -43.18 7.16 -13.48
N PHE E 129 -43.57 6.93 -12.21
CA PHE E 129 -44.97 7.13 -11.80
C PHE E 129 -45.39 8.58 -11.90
N THR E 130 -44.47 9.49 -11.62
CA THR E 130 -44.76 10.91 -11.77
C THR E 130 -44.80 11.26 -13.27
N HIS E 131 -43.86 10.71 -14.04
CA HIS E 131 -43.84 10.91 -15.49
C HIS E 131 -45.21 10.60 -16.11
N LEU E 132 -45.72 9.40 -15.80
CA LEU E 132 -47.02 8.94 -16.30
C LEU E 132 -48.17 9.83 -15.83
N ALA E 133 -48.14 10.22 -14.57
CA ALA E 133 -49.16 11.14 -14.05
C ALA E 133 -49.12 12.49 -14.76
N TRP E 134 -47.93 12.90 -15.19
CA TRP E 134 -47.76 14.20 -15.81
C TRP E 134 -48.27 14.19 -17.25
N ILE E 135 -48.09 13.05 -17.90
CA ILE E 135 -48.65 12.79 -19.22
C ILE E 135 -50.18 12.74 -19.18
N ASN E 136 -50.73 12.09 -18.15
CA ASN E 136 -52.18 11.99 -17.95
C ASN E 136 -52.72 13.25 -17.29
N THR E 137 -51.97 14.34 -17.40
CA THR E 137 -52.47 15.62 -16.94
C THR E 137 -52.62 16.52 -18.15
N PRO E 138 -53.83 17.05 -18.35
CA PRO E 138 -54.11 17.88 -19.53
C PRO E 138 -53.12 19.04 -19.65
N ARG E 139 -52.68 19.34 -20.87
CA ARG E 139 -51.74 20.43 -21.12
C ARG E 139 -52.18 21.74 -20.49
N ARG E 140 -53.49 21.94 -20.38
CA ARG E 140 -54.04 23.19 -19.86
C ARG E 140 -53.70 23.37 -18.38
N GLN E 141 -53.38 22.27 -17.70
CA GLN E 141 -52.98 22.32 -16.30
C GLN E 141 -51.49 22.04 -16.14
N GLY E 142 -50.70 22.44 -17.13
CA GLY E 142 -49.26 22.29 -17.05
C GLY E 142 -48.82 20.86 -17.22
N GLY E 143 -49.74 20.00 -17.68
CA GLY E 143 -49.40 18.62 -17.96
C GLY E 143 -48.81 18.53 -19.34
N LEU E 144 -48.49 17.32 -19.76
CA LEU E 144 -47.94 17.11 -21.09
C LEU E 144 -48.99 16.64 -22.09
N GLY E 145 -50.04 15.99 -21.59
CA GLY E 145 -50.92 15.26 -22.48
C GLY E 145 -50.09 14.19 -23.13
N PRO E 146 -50.70 13.38 -24.00
CA PRO E 146 -49.94 12.28 -24.59
C PRO E 146 -48.70 12.81 -25.29
N ILE E 147 -47.73 11.92 -25.54
CA ILE E 147 -46.43 12.35 -26.02
C ILE E 147 -45.69 11.17 -26.65
N ARG E 148 -44.97 11.43 -27.73
CA ARG E 148 -44.25 10.36 -28.45
C ARG E 148 -42.81 10.20 -27.92
N ILE E 149 -42.31 11.25 -27.28
CA ILE E 149 -40.97 11.28 -26.72
C ILE E 149 -40.88 10.53 -25.40
N PRO E 150 -40.03 9.50 -25.32
CA PRO E 150 -39.84 8.82 -24.03
C PRO E 150 -39.42 9.79 -22.92
N LEU E 151 -40.05 9.63 -21.75
CA LEU E 151 -39.63 10.33 -20.56
C LEU E 151 -38.90 9.35 -19.65
N LEU E 152 -37.57 9.51 -19.56
CA LEU E 152 -36.74 8.60 -18.80
C LEU E 152 -36.68 9.03 -17.34
N SER E 153 -36.59 8.06 -16.44
CA SER E 153 -36.57 8.33 -15.01
C SER E 153 -35.17 8.12 -14.41
N ASP E 154 -34.71 9.10 -13.62
CA ASP E 154 -33.39 9.00 -13.01
C ASP E 154 -33.45 9.22 -11.49
N LEU E 155 -34.30 8.44 -10.81
CA LEU E 155 -34.48 8.56 -9.36
C LEU E 155 -33.18 8.52 -8.57
N THR E 156 -32.22 7.71 -9.04
CA THR E 156 -31.00 7.48 -8.28
C THR E 156 -30.01 8.60 -8.52
N HIS E 157 -30.27 9.39 -9.55
CA HIS E 157 -29.41 10.52 -9.93
C HIS E 157 -28.11 10.10 -10.63
N GLN E 158 -27.85 8.81 -10.74
CA GLN E 158 -26.59 8.36 -11.32
CA GLN E 158 -26.62 8.31 -11.35
C GLN E 158 -26.43 8.83 -12.76
N ILE E 159 -27.51 8.78 -13.55
CA ILE E 159 -27.45 9.22 -14.94
C ILE E 159 -27.12 10.71 -15.04
N SER E 160 -27.76 11.54 -14.20
CA SER E 160 -27.50 12.98 -14.24
C SER E 160 -26.05 13.28 -13.85
N LYS E 161 -25.55 12.52 -12.90
CA LYS E 161 -24.19 12.74 -12.43
C LYS E 161 -23.18 12.33 -13.50
N ASP E 162 -23.47 11.22 -14.18
CA ASP E 162 -22.63 10.78 -15.29
C ASP E 162 -22.60 11.81 -16.42
N TYR E 163 -23.65 12.61 -16.54
CA TYR E 163 -23.75 13.58 -17.62
C TYR E 163 -23.45 14.99 -17.16
N GLY E 164 -22.98 15.12 -15.92
CA GLY E 164 -22.61 16.41 -15.35
C GLY E 164 -23.69 17.47 -15.31
N VAL E 165 -24.94 17.05 -15.16
CA VAL E 165 -26.04 18.00 -15.18
C VAL E 165 -26.77 18.08 -13.84
N TYR E 166 -26.31 17.32 -12.86
CA TYR E 166 -26.96 17.27 -11.55
C TYR E 166 -26.66 18.47 -10.67
N LEU E 167 -27.69 19.04 -10.05
CA LEU E 167 -27.50 20.17 -9.15
C LEU E 167 -27.53 19.76 -7.68
N GLU E 168 -26.35 19.47 -7.12
CA GLU E 168 -26.22 18.94 -5.77
C GLU E 168 -27.06 19.62 -4.71
N ASP E 169 -27.23 20.93 -4.83
CA ASP E 169 -27.93 21.70 -3.82
C ASP E 169 -29.44 21.74 -4.03
N SER E 170 -29.88 21.41 -5.24
CA SER E 170 -31.29 21.47 -5.61
C SER E 170 -31.95 20.10 -5.68
N GLY E 171 -31.15 19.07 -5.95
CA GLY E 171 -31.62 17.72 -6.01
C GLY E 171 -32.22 17.33 -7.34
N HIS E 172 -32.01 18.15 -8.38
CA HIS E 172 -32.44 17.84 -9.75
C HIS E 172 -31.45 18.43 -10.75
N THR E 173 -31.75 18.32 -12.04
CA THR E 173 -30.79 18.72 -13.06
C THR E 173 -31.04 20.12 -13.59
N LEU E 174 -30.07 20.65 -14.35
CA LEU E 174 -30.31 21.87 -15.13
C LEU E 174 -30.80 21.53 -16.53
N ARG E 175 -30.81 22.51 -17.41
CA ARG E 175 -31.24 22.23 -18.76
C ARG E 175 -30.06 21.80 -19.61
N GLY E 176 -29.82 20.51 -19.68
CA GLY E 176 -28.67 19.96 -20.37
C GLY E 176 -29.04 19.06 -21.53
N LEU E 177 -28.48 19.33 -22.70
CA LEU E 177 -28.82 18.62 -23.92
C LEU E 177 -27.58 18.07 -24.59
N PHE E 178 -27.69 16.84 -25.09
CA PHE E 178 -26.55 16.15 -25.66
C PHE E 178 -26.90 15.59 -27.04
N ILE E 179 -25.98 15.77 -27.98
CA ILE E 179 -26.14 15.23 -29.32
C ILE E 179 -25.15 14.09 -29.50
N ILE E 180 -25.70 12.92 -29.78
CA ILE E 180 -24.94 11.68 -29.86
C ILE E 180 -25.12 11.06 -31.23
N ASP E 181 -24.04 10.70 -31.90
CA ASP E 181 -24.16 10.19 -33.26
C ASP E 181 -24.55 8.72 -33.30
N ASP E 182 -24.78 8.21 -34.51
CA ASP E 182 -25.20 6.82 -34.72
C ASP E 182 -24.19 5.81 -34.20
N LYS E 183 -22.96 6.27 -33.96
CA LYS E 183 -21.96 5.35 -33.44
C LYS E 183 -21.77 5.57 -31.94
N GLY E 184 -22.61 6.44 -31.38
CA GLY E 184 -22.66 6.64 -29.94
C GLY E 184 -21.58 7.55 -29.39
N ILE E 185 -20.99 8.39 -30.24
CA ILE E 185 -19.98 9.34 -29.79
C ILE E 185 -20.67 10.65 -29.44
N LEU E 186 -20.28 11.26 -28.34
CA LEU E 186 -20.87 12.54 -27.96
C LEU E 186 -20.35 13.67 -28.86
N ARG E 187 -21.26 14.47 -29.41
CA ARG E 187 -20.89 15.47 -30.39
C ARG E 187 -21.17 16.90 -29.94
N GLN E 188 -22.05 17.08 -28.96
CA GLN E 188 -22.43 18.44 -28.58
C GLN E 188 -23.04 18.48 -27.18
N ILE E 189 -22.74 19.53 -26.45
CA ILE E 189 -23.25 19.67 -25.10
C ILE E 189 -23.77 21.08 -24.94
N THR E 190 -25.07 21.21 -24.68
CA THR E 190 -25.66 22.50 -24.39
C THR E 190 -26.16 22.48 -22.96
N LEU E 191 -25.66 23.39 -22.14
CA LEU E 191 -26.14 23.51 -20.77
C LEU E 191 -26.72 24.90 -20.53
N ASN E 192 -27.99 24.94 -20.11
CA ASN E 192 -28.66 26.19 -19.76
C ASN E 192 -28.92 26.30 -18.27
N ASP E 193 -28.75 27.50 -17.72
CA ASP E 193 -29.26 27.77 -16.39
C ASP E 193 -30.77 27.57 -16.41
N LEU E 194 -31.37 27.31 -15.26
CA LEU E 194 -32.81 26.97 -15.18
C LEU E 194 -33.81 27.84 -15.97
N PRO E 195 -33.69 29.18 -15.90
CA PRO E 195 -34.73 30.06 -16.41
C PRO E 195 -34.89 30.11 -17.94
N VAL E 196 -33.98 29.51 -18.70
CA VAL E 196 -34.03 29.67 -20.15
C VAL E 196 -34.11 28.35 -20.88
N GLY E 197 -35.15 28.18 -21.69
CA GLY E 197 -35.33 26.96 -22.44
C GLY E 197 -34.50 26.87 -23.72
N ARG E 198 -34.56 25.71 -24.34
CA ARG E 198 -33.71 25.39 -25.47
C ARG E 198 -34.45 25.60 -26.79
N SER E 199 -33.77 25.37 -27.91
CA SER E 199 -34.34 25.69 -29.20
C SER E 199 -34.37 24.47 -30.11
N VAL E 200 -35.57 24.13 -30.56
CA VAL E 200 -35.73 23.00 -31.48
C VAL E 200 -34.97 23.25 -32.78
N ASP E 201 -34.95 24.50 -33.21
CA ASP E 201 -34.34 24.85 -34.49
C ASP E 201 -32.83 24.75 -34.44
N GLU E 202 -32.24 25.28 -33.38
CA GLU E 202 -30.81 25.18 -33.15
C GLU E 202 -30.39 23.71 -33.07
N THR E 203 -31.14 22.94 -32.31
CA THR E 203 -30.85 21.52 -32.16
C THR E 203 -30.92 20.83 -33.52
N LEU E 204 -31.82 21.31 -34.38
CA LEU E 204 -31.98 20.73 -35.71
C LEU E 204 -30.82 21.13 -36.62
N ARG E 205 -30.42 22.40 -36.54
CA ARG E 205 -29.25 22.86 -37.28
C ARG E 205 -28.01 22.03 -36.94
N LEU E 206 -27.76 21.85 -35.65
CA LEU E 206 -26.63 21.06 -35.17
C LEU E 206 -26.67 19.61 -35.62
N VAL E 207 -27.83 18.96 -35.52
CA VAL E 207 -27.89 17.57 -35.95
C VAL E 207 -27.57 17.45 -37.43
N GLN E 208 -28.03 18.41 -38.22
CA GLN E 208 -27.78 18.39 -39.65
C GLN E 208 -26.31 18.66 -39.95
N ALA E 209 -25.80 19.77 -39.41
CA ALA E 209 -24.38 20.07 -39.50
C ALA E 209 -23.51 18.84 -39.20
N PHE E 210 -23.79 18.16 -38.11
CA PHE E 210 -22.99 16.99 -37.73
C PHE E 210 -23.16 15.82 -38.70
N GLN E 211 -24.34 15.71 -39.30
CA GLN E 211 -24.60 14.64 -40.25
C GLN E 211 -23.91 14.91 -41.57
N TYR E 212 -23.87 16.19 -41.94
CA TYR E 212 -23.22 16.62 -43.18
C TYR E 212 -21.71 16.37 -43.13
N THR E 213 -21.09 16.81 -42.03
CA THR E 213 -19.64 16.69 -41.88
C THR E 213 -19.23 15.22 -41.73
N ASP E 214 -20.15 14.40 -41.24
CA ASP E 214 -19.89 12.96 -41.16
C ASP E 214 -19.74 12.37 -42.55
N LYS E 215 -20.68 12.70 -43.42
CA LYS E 215 -20.68 12.22 -44.80
C LYS E 215 -19.54 12.84 -45.60
N HIS E 216 -19.63 14.15 -45.83
CA HIS E 216 -18.72 14.84 -46.75
C HIS E 216 -17.32 15.10 -46.19
N GLY E 217 -17.14 14.96 -44.89
CA GLY E 217 -15.84 15.19 -44.27
C GLY E 217 -15.36 16.63 -44.35
N GLU E 218 -16.25 17.54 -44.74
CA GLU E 218 -15.93 18.97 -44.81
C GLU E 218 -16.48 19.67 -43.56
N VAL E 219 -16.11 20.94 -43.34
CA VAL E 219 -16.45 21.63 -42.09
C VAL E 219 -17.49 22.76 -42.25
N CYS E 220 -18.26 23.00 -41.19
CA CYS E 220 -19.38 23.95 -41.21
C CYS E 220 -19.08 25.28 -40.51
N PRO E 221 -19.09 26.38 -41.29
CA PRO E 221 -18.83 27.73 -40.77
C PRO E 221 -19.90 28.19 -39.76
N ALA E 222 -19.64 29.31 -39.10
CA ALA E 222 -20.58 29.88 -38.16
C ALA E 222 -21.93 30.15 -38.84
N GLY E 223 -23.00 29.66 -38.23
CA GLY E 223 -24.35 29.90 -38.72
C GLY E 223 -24.74 29.05 -39.92
N TRP E 224 -24.28 27.80 -39.95
CA TRP E 224 -24.52 26.91 -41.08
C TRP E 224 -25.88 26.19 -41.02
N LYS E 225 -26.74 26.47 -41.99
CA LYS E 225 -27.98 25.71 -42.22
C LYS E 225 -27.86 25.00 -43.56
N PRO E 226 -28.53 23.85 -43.72
CA PRO E 226 -28.37 23.02 -44.93
C PRO E 226 -28.35 23.80 -46.24
N GLY E 227 -27.51 23.37 -47.17
CA GLY E 227 -27.38 24.04 -48.46
C GLY E 227 -26.35 25.15 -48.46
N SER E 228 -25.91 25.56 -47.27
CA SER E 228 -24.90 26.63 -47.11
C SER E 228 -23.51 26.20 -47.60
N GLU E 229 -22.65 27.19 -47.83
CA GLU E 229 -21.29 26.93 -48.28
C GLU E 229 -20.42 26.39 -47.13
N THR E 230 -19.70 25.30 -47.39
CA THR E 230 -18.83 24.69 -46.41
C THR E 230 -17.35 24.97 -46.75
N ILE E 231 -16.44 24.45 -45.92
CA ILE E 231 -15.01 24.65 -46.13
C ILE E 231 -14.27 23.31 -46.15
N ILE E 232 -13.28 23.18 -47.05
CA ILE E 232 -12.46 21.99 -47.11
C ILE E 232 -11.31 22.11 -46.09
N PRO E 233 -11.20 21.11 -45.19
CA PRO E 233 -10.26 21.14 -44.04
C PRO E 233 -8.77 20.95 -44.38
N ASP E 234 -8.21 21.88 -45.16
CA ASP E 234 -6.77 21.88 -45.47
C ASP E 234 -6.36 23.29 -45.95
N PRO E 235 -5.10 23.70 -45.68
CA PRO E 235 -4.67 25.08 -45.95
C PRO E 235 -4.59 25.45 -47.45
N ALA E 236 -4.83 24.47 -48.33
CA ALA E 236 -4.93 24.75 -49.76
C ALA E 236 -6.39 24.86 -50.18
N GLY E 237 -7.16 23.80 -49.92
CA GLY E 237 -8.58 23.78 -50.24
C GLY E 237 -9.46 24.68 -49.40
N LYS E 238 -8.85 25.50 -48.53
CA LYS E 238 -9.58 26.48 -47.74
C LYS E 238 -9.76 27.80 -48.51
N LEU E 239 -8.92 28.01 -49.53
CA LEU E 239 -8.96 29.24 -50.32
C LEU E 239 -10.18 29.32 -51.25
N LYS E 240 -10.74 28.15 -51.59
CA LYS E 240 -11.98 28.07 -52.39
C LYS E 240 -13.14 28.81 -51.73
N TYR E 241 -13.18 28.77 -50.40
CA TYR E 241 -14.22 29.43 -49.62
C TYR E 241 -13.88 30.90 -49.35
N PHE E 242 -12.70 31.15 -48.82
CA PHE E 242 -12.34 32.49 -48.36
C PHE E 242 -12.13 33.48 -49.49
N ASP E 243 -11.57 33.03 -50.61
CA ASP E 243 -11.19 33.91 -51.71
C ASP E 243 -12.23 33.92 -52.83
N LYS E 244 -12.35 35.08 -53.50
CA LYS E 244 -13.31 35.32 -54.60
C LYS E 244 -14.79 35.09 -54.24
N LEU E 245 -15.08 34.00 -53.53
CA LEU E 245 -16.45 33.69 -53.09
C LEU E 245 -16.88 34.63 -51.98
N ASN E 246 -16.01 34.82 -50.99
CA ASN E 246 -16.32 35.67 -49.83
C ASN E 246 -15.58 37.02 -49.83
#